data_2DWQ
#
_entry.id   2DWQ
#
_cell.length_a   52.940
_cell.length_b   54.357
_cell.length_c   92.585
_cell.angle_alpha   80.11
_cell.angle_beta   76.46
_cell.angle_gamma   73.12
#
_symmetry.space_group_name_H-M   'P 1'
#
loop_
_entity.id
_entity.type
_entity.pdbx_description
1 polymer 'GTP-binding protein'
2 water water
#
_entity_poly.entity_id   1
_entity_poly.type   'polypeptide(L)'
_entity_poly.pdbx_seq_one_letter_code
;MLAVGIVGLPNVGKSTLFNALTRANALAANYPFATIDKNVGVVPLEDERLYALQRTFAKGERVPPVVPTHVEFVDIAGLV
KGAHKGEGLGNQFLAHIREVAAIAHVLRCFPDPDVVHVMGRVDPLEDAEVVETELLLADLATLERRLERLRKEARADRER
LPLLEAAEGLYVHLQEGKPARTFPPSEAVARFLKETPLLTAKPVIYVANVAEEDLPDGRGNPQVEAVRRKALEEGAEVVV
VSARLEAELAELSGEEARELLAAYGLQESGLQRLARAGYRALDLLTFFTAGEKEVRAWTVRRGTKAPRAAGEIHSDMERG
FIRAEVIPWDKLVEAGGWARAKERGWVRLEGKDYEVQDGDVIYVLFNA
;
_entity_poly.pdbx_strand_id   A,B
#
# COMPACT_ATOMS: atom_id res chain seq x y z
N MET A 1 -5.31 -26.54 10.38
CA MET A 1 -5.26 -26.41 8.89
C MET A 1 -6.55 -25.84 8.26
N LEU A 2 -6.49 -24.59 7.84
CA LEU A 2 -7.65 -24.03 7.18
C LEU A 2 -7.39 -24.59 5.79
N ALA A 3 -8.41 -25.18 5.20
CA ALA A 3 -8.24 -25.84 3.91
C ALA A 3 -9.53 -25.86 3.15
N VAL A 4 -9.45 -25.89 1.83
CA VAL A 4 -10.69 -25.97 1.10
C VAL A 4 -10.82 -27.39 0.63
N GLY A 5 -12.04 -27.92 0.84
CA GLY A 5 -12.35 -29.27 0.45
C GLY A 5 -12.99 -29.28 -0.93
N ILE A 6 -12.38 -30.00 -1.86
CA ILE A 6 -12.99 -29.99 -3.13
C ILE A 6 -13.89 -31.18 -3.08
N VAL A 7 -15.07 -31.04 -3.65
CA VAL A 7 -16.01 -32.15 -3.68
C VAL A 7 -16.75 -32.09 -4.97
N GLY A 8 -17.07 -33.21 -5.53
CA GLY A 8 -17.83 -33.14 -6.76
C GLY A 8 -18.20 -34.55 -7.16
N LEU A 9 -19.37 -34.73 -7.81
CA LEU A 9 -19.82 -36.05 -8.28
C LEU A 9 -19.01 -36.51 -9.50
N PRO A 10 -19.27 -37.72 -10.02
CA PRO A 10 -18.45 -38.09 -11.17
C PRO A 10 -18.68 -37.45 -12.56
N ASN A 11 -17.58 -37.41 -13.35
CA ASN A 11 -17.56 -36.91 -14.73
C ASN A 11 -17.95 -35.47 -14.75
N VAL A 12 -17.21 -34.61 -14.04
CA VAL A 12 -17.54 -33.21 -14.02
C VAL A 12 -16.17 -32.59 -14.15
N GLY A 13 -15.15 -33.41 -14.02
CA GLY A 13 -13.85 -32.84 -14.19
C GLY A 13 -13.18 -32.62 -12.87
N LYS A 14 -13.91 -32.93 -11.81
CA LYS A 14 -13.29 -32.76 -10.52
C LYS A 14 -11.91 -33.45 -10.60
N SER A 15 -11.86 -34.58 -11.31
CA SER A 15 -10.59 -35.29 -11.37
C SER A 15 -9.45 -34.56 -12.11
N THR A 16 -9.76 -33.94 -13.24
CA THR A 16 -8.73 -33.17 -13.98
C THR A 16 -8.28 -31.98 -13.10
N LEU A 17 -9.27 -31.30 -12.50
CA LEU A 17 -8.98 -30.15 -11.65
C LEU A 17 -7.97 -30.44 -10.60
N PHE A 18 -8.35 -31.26 -9.64
CA PHE A 18 -7.46 -31.57 -8.54
C PHE A 18 -6.15 -32.08 -9.07
N ASN A 19 -6.25 -32.83 -10.16
CA ASN A 19 -5.11 -33.44 -10.78
C ASN A 19 -4.04 -32.49 -11.25
N ALA A 20 -4.47 -31.38 -11.85
CA ALA A 20 -3.48 -30.40 -12.27
C ALA A 20 -2.84 -29.80 -11.00
N LEU A 21 -3.71 -29.35 -10.10
CA LEU A 21 -3.30 -28.74 -8.83
C LEU A 21 -2.14 -29.54 -8.30
N THR A 22 -2.29 -30.85 -8.29
CA THR A 22 -1.21 -31.66 -7.80
C THR A 22 -0.04 -31.61 -8.80
N ARG A 23 -0.37 -31.84 -10.07
CA ARG A 23 0.55 -31.85 -11.21
C ARG A 23 1.50 -30.65 -11.18
N ALA A 24 0.97 -29.49 -10.85
CA ALA A 24 1.74 -28.26 -10.74
C ALA A 24 2.70 -28.40 -9.56
N ASN A 25 2.13 -28.57 -8.36
CA ASN A 25 2.90 -28.78 -7.15
C ASN A 25 3.97 -29.75 -7.55
N ALA A 26 3.50 -30.78 -8.24
CA ALA A 26 4.26 -31.91 -8.75
C ALA A 26 5.47 -31.53 -9.60
N LEU A 27 5.25 -30.66 -10.59
CA LEU A 27 6.30 -30.17 -11.46
C LEU A 27 6.81 -29.04 -10.61
N ALA A 28 7.49 -29.38 -9.51
CA ALA A 28 8.02 -28.34 -8.62
C ALA A 28 9.00 -28.77 -7.51
N ALA A 29 10.07 -27.95 -7.36
CA ALA A 29 11.23 -28.00 -6.41
C ALA A 29 11.19 -28.90 -5.15
N THR A 35 7.25 -37.62 -0.97
CA THR A 35 5.94 -38.15 -0.60
C THR A 35 4.74 -37.56 -1.34
N ILE A 36 4.14 -38.42 -2.14
CA ILE A 36 2.98 -38.09 -2.97
C ILE A 36 1.68 -38.11 -2.16
N ASP A 37 1.23 -36.95 -1.67
CA ASP A 37 -0.03 -36.97 -0.96
C ASP A 37 -1.06 -36.64 -2.04
N LYS A 38 -1.34 -37.66 -2.84
CA LYS A 38 -2.26 -37.61 -3.96
C LYS A 38 -3.50 -36.76 -3.77
N ASN A 39 -3.99 -36.67 -2.54
CA ASN A 39 -5.23 -35.90 -2.30
C ASN A 39 -5.06 -34.57 -1.68
N VAL A 40 -3.84 -34.20 -1.38
CA VAL A 40 -3.56 -32.92 -0.77
C VAL A 40 -2.68 -32.06 -1.63
N GLY A 41 -3.14 -30.86 -1.95
CA GLY A 41 -2.33 -29.97 -2.74
C GLY A 41 -2.39 -28.55 -2.25
N VAL A 42 -1.43 -27.73 -2.69
CA VAL A 42 -1.43 -26.31 -2.30
C VAL A 42 -1.22 -25.37 -3.49
N VAL A 43 -2.17 -24.51 -3.82
CA VAL A 43 -1.99 -23.52 -4.90
C VAL A 43 -1.24 -22.24 -4.38
N PRO A 44 0.04 -22.00 -4.77
CA PRO A 44 0.80 -20.82 -4.34
C PRO A 44 0.08 -19.60 -4.77
N LEU A 45 -0.04 -18.63 -3.88
CA LEU A 45 -0.78 -17.40 -4.24
C LEU A 45 0.16 -16.37 -4.91
N GLU A 46 -0.31 -15.68 -5.93
CA GLU A 46 0.56 -14.64 -6.51
C GLU A 46 0.41 -13.32 -5.74
N ASP A 47 1.51 -12.72 -5.33
CA ASP A 47 1.41 -11.48 -4.59
C ASP A 47 2.45 -10.52 -5.06
N GLU A 48 2.02 -9.65 -5.96
CA GLU A 48 2.87 -8.65 -6.51
C GLU A 48 3.78 -7.97 -5.53
N ARG A 49 3.23 -7.67 -4.37
CA ARG A 49 3.90 -6.97 -3.28
C ARG A 49 5.13 -7.74 -3.00
N LEU A 50 5.00 -9.05 -3.04
CA LEU A 50 6.21 -9.81 -2.83
C LEU A 50 7.44 -9.39 -3.68
N TYR A 51 7.26 -8.91 -4.90
CA TYR A 51 8.42 -8.58 -5.72
C TYR A 51 8.89 -7.15 -5.46
N ALA A 52 7.91 -6.26 -5.31
CA ALA A 52 8.25 -4.92 -4.99
C ALA A 52 9.15 -5.06 -3.76
N LEU A 53 8.72 -5.81 -2.73
CA LEU A 53 9.58 -5.96 -1.55
C LEU A 53 10.95 -6.54 -1.92
N GLN A 54 10.99 -7.44 -2.88
CA GLN A 54 12.25 -8.04 -3.30
C GLN A 54 13.24 -7.02 -3.83
N ARG A 55 12.76 -6.06 -4.62
CA ARG A 55 13.67 -5.08 -5.18
C ARG A 55 14.24 -4.30 -3.99
N THR A 56 13.33 -3.70 -3.21
CA THR A 56 13.68 -2.95 -2.01
C THR A 56 14.82 -3.56 -1.16
N PHE A 57 15.13 -4.83 -1.32
CA PHE A 57 16.18 -5.44 -0.53
C PHE A 57 17.17 -6.15 -1.42
N ALA A 58 17.13 -5.78 -2.68
CA ALA A 58 18.08 -6.33 -3.59
C ALA A 58 19.30 -5.46 -3.32
N LYS A 59 20.36 -6.05 -2.80
CA LYS A 59 21.61 -5.36 -2.51
C LYS A 59 22.41 -5.60 -3.79
N GLY A 60 22.30 -4.70 -4.77
CA GLY A 60 23.03 -4.87 -6.01
C GLY A 60 22.08 -5.33 -7.08
N GLU A 61 22.45 -6.37 -7.81
CA GLU A 61 21.61 -6.96 -8.88
C GLU A 61 21.21 -8.39 -8.46
N ARG A 62 21.88 -8.87 -7.39
CA ARG A 62 21.60 -10.15 -6.81
C ARG A 62 20.43 -9.73 -5.97
N VAL A 63 19.44 -10.62 -5.88
CA VAL A 63 18.24 -10.32 -5.13
C VAL A 63 17.96 -11.44 -4.12
N PRO A 64 17.03 -11.22 -3.20
CA PRO A 64 16.88 -12.38 -2.30
C PRO A 64 15.63 -13.15 -2.67
N PRO A 65 15.52 -14.42 -2.26
CA PRO A 65 14.33 -15.24 -2.58
C PRO A 65 13.06 -14.74 -1.95
N VAL A 66 11.96 -14.96 -2.63
CA VAL A 66 10.62 -14.63 -2.13
C VAL A 66 9.82 -15.96 -2.07
N VAL A 67 9.18 -16.21 -0.93
CA VAL A 67 8.36 -17.40 -0.62
C VAL A 67 6.91 -17.00 -0.55
N PRO A 68 6.08 -17.44 -1.49
CA PRO A 68 4.70 -16.95 -1.26
C PRO A 68 3.94 -17.80 -0.23
N THR A 69 2.72 -17.41 0.04
CA THR A 69 1.88 -18.11 0.95
C THR A 69 1.02 -18.91 -0.03
N HIS A 70 0.17 -19.80 0.46
CA HIS A 70 -0.73 -20.62 -0.38
C HIS A 70 -2.08 -20.90 0.24
N VAL A 71 -2.91 -21.61 -0.50
CA VAL A 71 -4.21 -22.05 -0.03
C VAL A 71 -4.21 -23.57 -0.12
N GLU A 72 -4.54 -24.26 0.97
CA GLU A 72 -4.55 -25.75 0.94
C GLU A 72 -5.85 -26.25 0.38
N PHE A 73 -5.77 -27.23 -0.51
CA PHE A 73 -6.98 -27.79 -1.10
C PHE A 73 -7.01 -29.27 -0.81
N VAL A 74 -8.17 -29.79 -0.50
CA VAL A 74 -8.17 -31.23 -0.13
C VAL A 74 -9.15 -31.95 -0.96
N ASP A 75 -8.86 -33.20 -1.31
CA ASP A 75 -9.83 -33.95 -2.11
C ASP A 75 -10.73 -34.74 -1.15
N ILE A 76 -11.93 -34.23 -0.86
CA ILE A 76 -12.73 -34.96 0.10
C ILE A 76 -12.86 -36.44 -0.20
N ALA A 77 -13.40 -36.77 -1.36
CA ALA A 77 -13.54 -38.17 -1.68
C ALA A 77 -12.20 -38.91 -1.62
N GLY A 78 -11.23 -38.49 -2.41
CA GLY A 78 -9.97 -39.21 -2.37
C GLY A 78 -9.58 -39.67 -0.98
N LEU A 79 -9.67 -38.74 -0.04
CA LEU A 79 -9.35 -38.94 1.38
C LEU A 79 -10.30 -40.02 2.00
N VAL A 80 -11.60 -39.92 1.67
CA VAL A 80 -12.59 -40.93 2.09
C VAL A 80 -12.29 -42.34 1.49
N LYS A 81 -11.98 -42.39 0.18
CA LYS A 81 -11.61 -43.64 -0.46
C LYS A 81 -10.40 -44.08 0.32
N GLY A 82 -9.22 -43.81 -0.21
CA GLY A 82 -7.97 -44.13 0.46
C GLY A 82 -8.00 -45.04 1.70
N ALA A 83 -8.35 -44.51 2.88
CA ALA A 83 -8.44 -45.33 4.12
C ALA A 83 -9.39 -46.47 3.84
N HIS A 84 -9.60 -47.40 4.76
CA HIS A 84 -10.51 -48.43 4.32
C HIS A 84 -11.76 -48.94 5.02
N LYS A 85 -12.87 -48.39 4.54
CA LYS A 85 -14.19 -48.69 5.04
C LYS A 85 -15.00 -49.11 3.81
N GLY A 86 -16.31 -48.98 3.89
CA GLY A 86 -17.24 -49.30 2.81
C GLY A 86 -18.53 -48.95 3.51
N GLU A 87 -18.54 -49.27 4.80
CA GLU A 87 -19.67 -49.00 5.68
C GLU A 87 -19.63 -47.53 6.01
N GLY A 88 -20.74 -46.87 5.76
CA GLY A 88 -20.87 -45.45 6.08
C GLY A 88 -19.91 -44.50 5.38
N LEU A 89 -19.83 -44.66 4.06
CA LEU A 89 -19.03 -43.83 3.20
C LEU A 89 -19.67 -42.48 3.33
N GLY A 90 -20.98 -42.47 3.45
CA GLY A 90 -21.67 -41.22 3.61
C GLY A 90 -21.17 -40.48 4.85
N ASN A 91 -20.96 -41.21 5.93
CA ASN A 91 -20.52 -40.56 7.16
C ASN A 91 -19.06 -40.16 7.20
N GLN A 92 -18.21 -40.93 6.55
CA GLN A 92 -16.80 -40.60 6.46
C GLN A 92 -16.74 -39.30 5.68
N PHE A 93 -17.60 -39.17 4.68
CA PHE A 93 -17.61 -37.94 3.94
C PHE A 93 -17.86 -36.83 4.93
N LEU A 94 -19.06 -36.78 5.46
CA LEU A 94 -19.34 -35.75 6.41
C LEU A 94 -18.24 -35.48 7.46
N ALA A 95 -17.50 -36.51 7.84
CA ALA A 95 -16.46 -36.39 8.87
C ALA A 95 -15.35 -35.51 8.39
N HIS A 96 -14.99 -35.64 7.13
CA HIS A 96 -13.92 -34.82 6.59
C HIS A 96 -14.49 -33.46 6.24
N ILE A 97 -15.55 -33.42 5.44
CA ILE A 97 -16.15 -32.15 5.10
C ILE A 97 -16.27 -31.27 6.37
N ARG A 98 -16.24 -31.88 7.54
CA ARG A 98 -16.38 -31.10 8.76
C ARG A 98 -15.03 -30.47 9.14
N GLU A 99 -13.96 -31.21 8.82
CA GLU A 99 -12.56 -30.83 9.05
C GLU A 99 -11.93 -29.70 8.16
N VAL A 100 -12.69 -29.10 7.24
CA VAL A 100 -12.15 -28.11 6.28
C VAL A 100 -12.92 -26.80 6.41
N ALA A 101 -12.27 -25.66 6.19
CA ALA A 101 -12.94 -24.35 6.37
C ALA A 101 -13.99 -24.02 5.36
N ALA A 102 -13.81 -24.45 4.13
CA ALA A 102 -14.77 -24.13 3.07
C ALA A 102 -14.89 -25.25 2.03
N ILE A 103 -16.01 -25.21 1.34
CA ILE A 103 -16.30 -26.24 0.37
C ILE A 103 -16.36 -25.66 -1.01
N ALA A 104 -15.53 -26.28 -1.84
CA ALA A 104 -15.39 -25.99 -3.27
C ALA A 104 -15.99 -27.20 -4.08
N HIS A 105 -17.22 -27.03 -4.51
CA HIS A 105 -17.94 -28.07 -5.28
C HIS A 105 -17.76 -27.81 -6.77
N VAL A 106 -17.20 -28.78 -7.50
CA VAL A 106 -16.99 -28.61 -8.94
C VAL A 106 -18.26 -28.90 -9.77
N LEU A 107 -18.79 -27.93 -10.48
CA LEU A 107 -19.96 -28.18 -11.31
C LEU A 107 -19.62 -28.16 -12.79
N ARG A 108 -20.04 -29.17 -13.52
CA ARG A 108 -19.73 -29.20 -14.94
C ARG A 108 -20.74 -28.36 -15.70
N CYS A 109 -20.30 -27.55 -16.64
CA CYS A 109 -21.24 -26.73 -17.38
C CYS A 109 -21.20 -26.80 -18.93
N PHE A 110 -20.67 -27.93 -19.44
CA PHE A 110 -20.54 -28.19 -20.89
C PHE A 110 -20.67 -29.68 -21.23
N PRO A 111 -21.79 -30.07 -21.89
CA PRO A 111 -21.91 -31.50 -22.23
C PRO A 111 -20.60 -32.11 -22.75
N ASP A 112 -20.50 -33.44 -22.67
CA ASP A 112 -19.31 -34.17 -23.11
C ASP A 112 -19.67 -35.52 -23.79
N PRO A 113 -18.64 -36.25 -24.26
CA PRO A 113 -18.82 -37.56 -24.92
C PRO A 113 -19.93 -38.43 -24.30
N ASP A 123 -26.49 -32.59 -15.24
CA ASP A 123 -26.91 -31.23 -14.88
C ASP A 123 -26.22 -30.62 -13.65
N PRO A 124 -25.35 -29.63 -13.87
CA PRO A 124 -24.63 -28.97 -12.77
C PRO A 124 -25.51 -28.34 -11.70
N LEU A 125 -26.70 -27.84 -12.04
CA LEU A 125 -27.49 -27.29 -10.95
C LEU A 125 -27.92 -28.47 -10.07
N GLU A 126 -28.16 -29.64 -10.66
CA GLU A 126 -28.61 -30.79 -9.88
C GLU A 126 -27.60 -31.31 -8.88
N ASP A 127 -26.35 -31.44 -9.27
CA ASP A 127 -25.34 -31.86 -8.32
C ASP A 127 -25.36 -30.83 -7.17
N ALA A 128 -25.43 -29.57 -7.56
CA ALA A 128 -25.43 -28.50 -6.61
C ALA A 128 -26.49 -28.82 -5.57
N GLU A 129 -27.61 -29.38 -6.00
CA GLU A 129 -28.67 -29.70 -5.04
C GLU A 129 -28.40 -30.94 -4.18
N VAL A 130 -27.84 -31.99 -4.79
CA VAL A 130 -27.50 -33.23 -4.08
C VAL A 130 -26.60 -32.91 -2.89
N VAL A 131 -25.34 -32.56 -3.16
CA VAL A 131 -24.42 -32.21 -2.10
C VAL A 131 -25.05 -31.20 -1.12
N GLU A 132 -25.79 -30.20 -1.57
CA GLU A 132 -26.29 -29.32 -0.51
C GLU A 132 -27.27 -30.07 0.38
N THR A 133 -28.35 -30.56 -0.17
CA THR A 133 -29.35 -31.31 0.63
C THR A 133 -28.74 -32.31 1.63
N GLU A 134 -27.62 -32.93 1.29
CA GLU A 134 -26.98 -33.88 2.20
C GLU A 134 -26.52 -33.15 3.47
N LEU A 135 -25.72 -32.11 3.27
CA LEU A 135 -25.25 -31.29 4.35
C LEU A 135 -26.47 -30.77 5.12
N LEU A 136 -27.46 -30.31 4.41
CA LEU A 136 -28.67 -29.82 5.04
C LEU A 136 -29.30 -30.87 5.96
N LEU A 137 -29.26 -32.14 5.56
CA LEU A 137 -29.87 -33.17 6.41
C LEU A 137 -29.01 -33.40 7.64
N ALA A 138 -27.70 -33.51 7.40
CA ALA A 138 -26.79 -33.79 8.48
C ALA A 138 -26.83 -32.74 9.52
N ASP A 139 -26.97 -31.51 9.06
CA ASP A 139 -26.99 -30.40 9.97
C ASP A 139 -28.23 -30.51 10.83
N LEU A 140 -29.38 -30.80 10.19
CA LEU A 140 -30.67 -30.95 10.90
C LEU A 140 -30.56 -31.93 12.08
N ALA A 141 -29.98 -33.10 11.86
CA ALA A 141 -29.80 -33.98 12.96
C ALA A 141 -29.04 -33.15 13.99
N THR A 142 -27.82 -32.69 13.63
CA THR A 142 -27.02 -31.86 14.56
C THR A 142 -27.84 -30.82 15.43
N LEU A 143 -28.85 -30.13 14.90
CA LEU A 143 -29.65 -29.24 15.73
C LEU A 143 -30.76 -29.97 16.50
N GLU A 144 -31.50 -30.83 15.79
CA GLU A 144 -32.60 -31.59 16.42
C GLU A 144 -32.00 -32.08 17.71
N ARG A 145 -30.82 -32.67 17.61
CA ARG A 145 -30.13 -33.18 18.78
C ARG A 145 -29.58 -32.12 19.77
N ARG A 146 -29.06 -30.99 19.27
CA ARG A 146 -28.55 -29.92 20.14
C ARG A 146 -29.66 -29.32 20.89
N LEU A 147 -30.75 -29.02 20.19
CA LEU A 147 -31.92 -28.45 20.82
C LEU A 147 -32.46 -29.35 21.97
N GLU A 148 -32.48 -30.67 21.79
CA GLU A 148 -32.98 -31.58 22.83
C GLU A 148 -32.31 -31.16 24.11
N ARG A 149 -30.99 -31.20 24.10
CA ARG A 149 -30.16 -30.81 25.22
C ARG A 149 -30.33 -29.32 25.56
N LEU A 150 -29.97 -28.45 24.62
CA LEU A 150 -29.99 -26.99 24.78
C LEU A 150 -31.33 -26.35 25.05
N ARG A 151 -32.40 -27.00 24.65
CA ARG A 151 -33.71 -26.42 24.90
C ARG A 151 -33.99 -26.61 26.38
N LYS A 152 -33.36 -27.63 26.98
CA LYS A 152 -33.56 -27.92 28.39
C LYS A 152 -32.57 -27.18 29.28
N GLU A 153 -31.29 -27.14 28.87
CA GLU A 153 -30.26 -26.44 29.67
C GLU A 153 -30.86 -25.07 29.94
N ALA A 154 -31.46 -24.53 28.89
CA ALA A 154 -32.08 -23.23 28.91
C ALA A 154 -33.04 -22.89 30.06
N ARG A 155 -33.75 -23.86 30.62
CA ARG A 155 -34.66 -23.49 31.72
C ARG A 155 -34.04 -23.49 33.12
N ALA A 156 -32.76 -23.80 33.22
CA ALA A 156 -32.05 -23.79 34.50
C ALA A 156 -31.13 -22.55 34.56
N ASP A 157 -30.41 -22.36 33.47
CA ASP A 157 -29.48 -21.26 33.30
C ASP A 157 -30.09 -20.32 32.27
N ARG A 158 -30.22 -19.06 32.64
CA ARG A 158 -30.81 -18.07 31.76
C ARG A 158 -29.83 -17.55 30.71
N GLU A 159 -28.56 -17.47 31.04
CA GLU A 159 -27.58 -16.99 30.07
C GLU A 159 -27.34 -17.94 28.91
N ARG A 160 -28.12 -19.01 28.85
CA ARG A 160 -28.00 -19.93 27.76
C ARG A 160 -29.23 -19.63 26.91
N LEU A 161 -30.01 -18.67 27.34
CA LEU A 161 -31.25 -18.33 26.66
C LEU A 161 -31.11 -17.67 25.30
N PRO A 162 -30.07 -16.83 25.12
CA PRO A 162 -29.89 -16.17 23.83
C PRO A 162 -29.56 -17.18 22.73
N LEU A 163 -28.75 -18.19 23.06
CA LEU A 163 -28.46 -19.25 22.07
C LEU A 163 -29.70 -20.06 21.71
N LEU A 164 -30.70 -20.16 22.58
CA LEU A 164 -31.81 -20.96 22.19
C LEU A 164 -32.39 -20.29 20.98
N GLU A 165 -32.78 -19.03 21.12
CA GLU A 165 -33.34 -18.21 20.03
C GLU A 165 -32.65 -18.54 18.74
N ALA A 166 -31.34 -18.24 18.75
CA ALA A 166 -30.44 -18.48 17.65
C ALA A 166 -30.65 -19.89 17.14
N ALA A 167 -30.37 -20.86 18.01
CA ALA A 167 -30.55 -22.28 17.68
C ALA A 167 -31.98 -22.48 17.02
N GLU A 168 -33.03 -21.94 17.65
CA GLU A 168 -34.37 -22.08 17.10
C GLU A 168 -34.46 -21.49 15.72
N GLY A 169 -34.21 -20.19 15.62
CA GLY A 169 -34.24 -19.52 14.33
C GLY A 169 -33.49 -20.33 13.33
N LEU A 170 -32.20 -20.60 13.59
CA LEU A 170 -31.39 -21.43 12.69
C LEU A 170 -32.13 -22.69 12.28
N TYR A 171 -32.62 -23.47 13.24
CA TYR A 171 -33.37 -24.70 12.94
C TYR A 171 -34.53 -24.51 11.96
N VAL A 172 -35.34 -23.44 12.08
CA VAL A 172 -36.46 -23.26 11.11
C VAL A 172 -35.92 -22.96 9.72
N HIS A 173 -34.88 -22.17 9.75
CA HIS A 173 -34.18 -21.76 8.56
C HIS A 173 -33.83 -23.06 7.78
N LEU A 174 -33.12 -23.98 8.42
CA LEU A 174 -32.75 -25.14 7.65
C LEU A 174 -33.97 -25.89 7.22
N GLN A 175 -34.99 -25.84 8.06
CA GLN A 175 -36.15 -26.61 7.69
C GLN A 175 -36.67 -26.09 6.39
N GLU A 176 -36.47 -24.81 6.16
CA GLU A 176 -36.98 -24.29 4.91
C GLU A 176 -36.05 -24.52 3.70
N GLY A 177 -35.03 -25.38 3.84
CA GLY A 177 -34.13 -25.65 2.73
C GLY A 177 -32.95 -24.71 2.72
N LYS A 178 -33.12 -23.67 3.54
CA LYS A 178 -32.15 -22.61 3.68
C LYS A 178 -30.90 -22.98 4.49
N PRO A 179 -29.70 -22.65 3.99
CA PRO A 179 -28.39 -22.91 4.61
C PRO A 179 -27.99 -21.96 5.72
N ALA A 180 -27.22 -22.49 6.66
CA ALA A 180 -26.73 -21.71 7.80
C ALA A 180 -26.04 -20.48 7.34
N ARG A 181 -25.12 -20.66 6.38
CA ARG A 181 -24.35 -19.58 5.83
C ARG A 181 -25.24 -18.38 5.50
N THR A 182 -26.51 -18.59 5.16
CA THR A 182 -27.37 -17.40 4.89
C THR A 182 -28.22 -16.91 6.07
N PHE A 183 -27.95 -17.40 7.26
CA PHE A 183 -28.68 -16.94 8.43
C PHE A 183 -28.13 -15.58 8.85
N PRO A 184 -29.02 -14.60 9.13
CA PRO A 184 -28.73 -13.22 9.54
C PRO A 184 -27.80 -13.20 10.70
N PRO A 185 -26.65 -12.52 10.59
CA PRO A 185 -25.79 -12.56 11.77
C PRO A 185 -26.35 -11.83 13.01
N SER A 186 -25.88 -12.28 14.18
CA SER A 186 -26.23 -11.69 15.44
C SER A 186 -25.15 -12.21 16.39
N GLU A 187 -24.88 -11.46 17.45
CA GLU A 187 -23.85 -11.83 18.40
C GLU A 187 -24.19 -13.22 18.81
N ALA A 188 -25.47 -13.39 19.10
CA ALA A 188 -26.04 -14.67 19.51
C ALA A 188 -25.60 -15.74 18.52
N VAL A 189 -26.31 -15.81 17.40
CA VAL A 189 -25.95 -16.77 16.40
C VAL A 189 -24.47 -17.14 16.48
N ALA A 190 -23.60 -16.23 16.04
CA ALA A 190 -22.15 -16.49 15.98
C ALA A 190 -21.49 -17.32 17.03
N ARG A 191 -21.92 -17.16 18.28
CA ARG A 191 -21.36 -17.93 19.39
C ARG A 191 -21.96 -19.32 19.26
N PHE A 192 -23.24 -19.38 18.89
CA PHE A 192 -23.87 -20.69 18.69
C PHE A 192 -23.16 -21.55 17.63
N LEU A 193 -22.84 -20.95 16.47
CA LEU A 193 -22.16 -21.69 15.41
C LEU A 193 -20.77 -22.15 15.85
N LYS A 194 -20.12 -21.35 16.69
CA LYS A 194 -18.78 -21.75 17.11
C LYS A 194 -18.92 -22.94 18.08
N GLU A 195 -20.00 -22.93 18.82
CA GLU A 195 -20.22 -23.93 19.81
C GLU A 195 -20.61 -25.20 19.18
N THR A 196 -21.37 -25.11 18.09
CA THR A 196 -21.94 -26.27 17.33
C THR A 196 -21.73 -26.02 15.84
N PRO A 197 -20.54 -26.34 15.29
CA PRO A 197 -20.22 -26.13 13.87
C PRO A 197 -21.14 -26.81 12.84
N LEU A 198 -21.83 -26.00 12.07
CA LEU A 198 -22.73 -26.51 11.06
C LEU A 198 -22.20 -26.45 9.63
N LEU A 199 -21.98 -27.62 9.05
CA LEU A 199 -21.50 -27.78 7.70
C LEU A 199 -22.07 -26.76 6.74
N THR A 200 -23.38 -26.48 6.78
CA THR A 200 -23.89 -25.47 5.83
C THR A 200 -23.55 -23.98 6.19
N ALA A 201 -22.86 -23.81 7.33
CA ALA A 201 -22.40 -22.53 7.87
C ALA A 201 -21.03 -22.18 7.18
N LYS A 202 -20.27 -23.23 6.85
CA LYS A 202 -19.05 -23.06 6.08
C LYS A 202 -19.30 -22.32 4.71
N PRO A 203 -18.27 -21.62 4.20
CA PRO A 203 -18.56 -20.95 2.92
C PRO A 203 -18.40 -21.87 1.70
N VAL A 204 -19.22 -21.58 0.71
CA VAL A 204 -19.23 -22.38 -0.50
C VAL A 204 -18.82 -21.61 -1.73
N ILE A 205 -17.90 -22.23 -2.44
CA ILE A 205 -17.43 -21.74 -3.72
C ILE A 205 -17.86 -22.75 -4.80
N TYR A 206 -18.93 -22.45 -5.56
CA TYR A 206 -19.40 -23.26 -6.70
C TYR A 206 -18.41 -23.03 -7.80
N VAL A 207 -17.58 -24.03 -8.12
CA VAL A 207 -16.53 -23.97 -9.15
C VAL A 207 -17.16 -24.47 -10.47
N ALA A 208 -17.33 -23.58 -11.46
CA ALA A 208 -17.97 -23.95 -12.75
C ALA A 208 -17.00 -24.35 -13.84
N ASN A 209 -16.99 -25.65 -14.15
CA ASN A 209 -16.13 -26.20 -15.20
C ASN A 209 -16.74 -25.95 -16.59
N VAL A 210 -16.00 -25.25 -17.44
CA VAL A 210 -16.56 -24.90 -18.74
C VAL A 210 -15.64 -25.18 -19.91
N ALA A 211 -16.25 -25.18 -21.11
CA ALA A 211 -15.50 -25.42 -22.32
C ALA A 211 -14.62 -24.19 -22.35
N GLU A 212 -13.32 -24.35 -22.55
CA GLU A 212 -12.45 -23.18 -22.54
C GLU A 212 -12.77 -22.12 -23.59
N GLU A 213 -13.70 -22.41 -24.48
CA GLU A 213 -14.08 -21.41 -25.47
C GLU A 213 -15.10 -20.57 -24.77
N ASP A 214 -15.32 -20.90 -23.51
CA ASP A 214 -16.26 -20.15 -22.72
C ASP A 214 -15.54 -19.26 -21.73
N LEU A 215 -14.28 -19.59 -21.43
CA LEU A 215 -13.52 -18.73 -20.54
C LEU A 215 -13.81 -17.31 -21.10
N PRO A 216 -13.62 -16.22 -20.31
CA PRO A 216 -13.16 -16.13 -18.92
C PRO A 216 -14.24 -16.49 -17.87
N ASP A 217 -15.50 -16.16 -18.16
CA ASP A 217 -16.55 -16.41 -17.20
C ASP A 217 -17.73 -17.05 -17.89
N GLY A 218 -17.46 -17.62 -19.06
CA GLY A 218 -18.53 -18.25 -19.80
C GLY A 218 -19.78 -17.42 -19.76
N ARG A 219 -19.75 -16.23 -20.39
CA ARG A 219 -20.95 -15.38 -20.41
C ARG A 219 -21.94 -15.95 -21.43
N GLY A 220 -23.22 -15.62 -21.27
CA GLY A 220 -24.23 -16.14 -22.18
C GLY A 220 -24.20 -17.66 -22.34
N ASN A 221 -23.86 -18.37 -21.27
CA ASN A 221 -23.82 -19.85 -21.21
C ASN A 221 -24.82 -20.16 -20.07
N PRO A 222 -26.11 -20.26 -20.40
CA PRO A 222 -27.20 -20.52 -19.45
C PRO A 222 -26.88 -21.33 -18.21
N GLN A 223 -26.14 -22.43 -18.35
CA GLN A 223 -25.80 -23.21 -17.16
C GLN A 223 -24.95 -22.36 -16.19
N VAL A 224 -23.78 -21.92 -16.66
CA VAL A 224 -22.91 -21.10 -15.82
C VAL A 224 -23.64 -19.85 -15.41
N GLU A 225 -24.84 -19.68 -15.92
CA GLU A 225 -25.57 -18.48 -15.60
C GLU A 225 -26.59 -18.92 -14.59
N ALA A 226 -26.94 -20.19 -14.71
CA ALA A 226 -27.94 -20.86 -13.87
C ALA A 226 -27.37 -20.84 -12.46
N VAL A 227 -26.11 -21.30 -12.46
CA VAL A 227 -25.28 -21.42 -11.29
C VAL A 227 -25.24 -20.10 -10.63
N ARG A 228 -24.74 -19.09 -11.32
CA ARG A 228 -24.67 -17.75 -10.74
C ARG A 228 -25.92 -17.39 -9.99
N ARG A 229 -27.06 -17.87 -10.48
CA ARG A 229 -28.30 -17.53 -9.82
C ARG A 229 -28.62 -18.37 -8.57
N LYS A 230 -28.09 -19.57 -8.49
CA LYS A 230 -28.33 -20.43 -7.32
C LYS A 230 -27.47 -19.83 -6.23
N ALA A 231 -26.20 -19.75 -6.57
CA ALA A 231 -25.12 -19.22 -5.75
C ALA A 231 -25.47 -17.96 -4.97
N LEU A 232 -26.36 -17.18 -5.56
CA LEU A 232 -26.79 -15.95 -4.97
C LEU A 232 -27.86 -16.25 -3.90
N GLU A 233 -28.58 -17.36 -4.09
CA GLU A 233 -29.66 -17.79 -3.20
C GLU A 233 -29.08 -18.66 -2.11
N GLU A 234 -27.86 -19.12 -2.35
CA GLU A 234 -27.20 -19.96 -1.38
C GLU A 234 -26.01 -19.30 -0.67
N GLY A 235 -25.73 -18.04 -1.02
CA GLY A 235 -24.62 -17.33 -0.40
C GLY A 235 -23.30 -17.97 -0.78
N ALA A 236 -23.15 -18.47 -2.00
CA ALA A 236 -21.86 -19.10 -2.40
C ALA A 236 -21.22 -18.17 -3.42
N GLU A 237 -19.90 -18.15 -3.55
CA GLU A 237 -19.31 -17.30 -4.57
C GLU A 237 -19.15 -18.23 -5.72
N VAL A 238 -18.94 -17.69 -6.91
CA VAL A 238 -18.70 -18.54 -8.09
C VAL A 238 -17.35 -18.24 -8.76
N VAL A 239 -16.64 -19.28 -9.16
CA VAL A 239 -15.33 -19.19 -9.82
C VAL A 239 -15.39 -20.19 -10.98
N VAL A 240 -15.20 -19.68 -12.21
CA VAL A 240 -15.23 -20.42 -13.50
C VAL A 240 -13.86 -20.89 -13.94
N VAL A 241 -13.77 -22.08 -14.53
CA VAL A 241 -12.48 -22.53 -15.02
C VAL A 241 -12.65 -23.71 -15.96
N SER A 242 -11.54 -24.22 -16.48
CA SER A 242 -11.57 -25.38 -17.36
C SER A 242 -10.52 -26.33 -16.83
N ALA A 243 -10.97 -27.47 -16.29
CA ALA A 243 -10.05 -28.43 -15.75
C ALA A 243 -9.03 -28.66 -16.88
N ARG A 244 -9.54 -28.75 -18.11
CA ARG A 244 -8.75 -28.95 -19.34
C ARG A 244 -7.60 -27.94 -19.57
N LEU A 245 -7.97 -26.66 -19.65
CA LEU A 245 -6.98 -25.61 -19.83
C LEU A 245 -6.05 -25.69 -18.62
N GLU A 246 -6.68 -25.94 -17.48
CA GLU A 246 -5.99 -26.07 -16.23
C GLU A 246 -5.11 -27.31 -16.27
N ALA A 247 -5.37 -28.17 -17.25
CA ALA A 247 -4.58 -29.37 -17.41
C ALA A 247 -3.37 -28.97 -18.23
N GLU A 248 -3.58 -28.07 -19.18
CA GLU A 248 -2.47 -27.62 -20.02
C GLU A 248 -1.52 -26.75 -19.21
N LEU A 249 -2.03 -25.58 -18.79
CA LEU A 249 -1.26 -24.59 -18.03
C LEU A 249 -0.39 -25.30 -17.04
N ALA A 250 -0.93 -26.40 -16.53
CA ALA A 250 -0.21 -27.19 -15.56
C ALA A 250 1.29 -27.24 -15.91
N GLU A 251 1.56 -27.60 -17.16
CA GLU A 251 2.93 -27.78 -17.66
C GLU A 251 3.72 -26.60 -18.26
N LEU A 252 3.03 -25.75 -19.02
CA LEU A 252 3.63 -24.56 -19.64
C LEU A 252 4.47 -23.83 -18.58
N SER A 253 5.44 -23.04 -19.05
CA SER A 253 6.27 -22.28 -18.13
C SER A 253 5.55 -20.96 -17.85
N GLY A 254 5.85 -20.32 -16.72
CA GLY A 254 5.21 -19.07 -16.40
C GLY A 254 4.97 -18.18 -17.62
N GLU A 255 6.06 -17.85 -18.32
CA GLU A 255 6.02 -16.98 -19.51
C GLU A 255 5.27 -17.64 -20.67
N GLU A 256 5.22 -18.96 -20.65
CA GLU A 256 4.53 -19.73 -21.68
C GLU A 256 3.05 -19.96 -21.30
N ALA A 257 2.81 -19.98 -19.99
CA ALA A 257 1.46 -20.11 -19.49
C ALA A 257 0.96 -18.70 -19.66
N ARG A 258 1.90 -17.78 -19.43
CA ARG A 258 1.67 -16.34 -19.56
C ARG A 258 0.97 -16.19 -20.91
N GLU A 259 1.62 -16.67 -21.96
CA GLU A 259 1.02 -16.56 -23.28
C GLU A 259 -0.34 -17.26 -23.40
N LEU A 260 -0.38 -18.56 -23.14
CA LEU A 260 -1.65 -19.27 -23.30
C LEU A 260 -2.75 -18.56 -22.58
N LEU A 261 -2.42 -17.97 -21.44
CA LEU A 261 -3.45 -17.28 -20.69
C LEU A 261 -3.77 -16.05 -21.46
N ALA A 262 -2.71 -15.50 -22.06
CA ALA A 262 -2.79 -14.32 -22.93
C ALA A 262 -3.67 -14.79 -24.09
N ALA A 263 -3.29 -15.96 -24.64
CA ALA A 263 -4.02 -16.60 -25.71
C ALA A 263 -5.53 -16.35 -25.46
N TYR A 264 -6.15 -17.03 -24.49
CA TYR A 264 -7.57 -16.73 -24.22
C TYR A 264 -7.69 -15.42 -23.41
N GLY A 265 -6.62 -14.64 -23.39
CA GLY A 265 -6.65 -13.38 -22.67
C GLY A 265 -7.17 -13.38 -21.23
N LEU A 266 -6.61 -14.23 -20.38
CA LEU A 266 -6.99 -14.24 -18.97
C LEU A 266 -5.71 -13.86 -18.20
N GLN A 267 -5.81 -12.99 -17.21
CA GLN A 267 -4.59 -12.63 -16.51
C GLN A 267 -4.26 -13.51 -15.32
N GLU A 268 -5.14 -14.48 -15.02
CA GLU A 268 -4.99 -15.40 -13.89
C GLU A 268 -5.36 -16.83 -14.25
N SER A 269 -4.60 -17.81 -13.77
CA SER A 269 -4.92 -19.23 -14.00
C SER A 269 -6.28 -19.52 -13.36
N GLY A 270 -7.01 -20.49 -13.89
CA GLY A 270 -8.30 -20.78 -13.31
C GLY A 270 -8.14 -21.14 -11.86
N LEU A 271 -7.10 -21.90 -11.56
CA LEU A 271 -6.87 -22.29 -10.18
C LEU A 271 -6.71 -21.05 -9.31
N GLN A 272 -5.81 -20.14 -9.72
CA GLN A 272 -5.58 -18.90 -9.00
C GLN A 272 -6.94 -18.29 -8.72
N ARG A 273 -7.75 -18.19 -9.76
CA ARG A 273 -9.08 -17.62 -9.58
C ARG A 273 -9.66 -18.20 -8.25
N LEU A 274 -9.73 -19.56 -8.19
CA LEU A 274 -10.27 -20.39 -7.07
C LEU A 274 -9.50 -20.23 -5.77
N ALA A 275 -8.19 -20.22 -5.85
CA ALA A 275 -7.33 -19.99 -4.70
C ALA A 275 -7.55 -18.61 -3.95
N ARG A 276 -8.07 -17.60 -4.63
CA ARG A 276 -8.27 -16.34 -3.95
C ARG A 276 -9.65 -16.31 -3.48
N ALA A 277 -10.48 -17.05 -4.19
CA ALA A 277 -11.88 -17.12 -3.81
C ALA A 277 -11.83 -17.92 -2.54
N GLY A 278 -10.83 -18.79 -2.47
CA GLY A 278 -10.64 -19.60 -1.29
C GLY A 278 -10.37 -18.60 -0.21
N TYR A 279 -9.22 -17.94 -0.33
CA TYR A 279 -8.76 -16.89 0.59
C TYR A 279 -9.84 -15.99 1.19
N ARG A 280 -10.73 -15.50 0.34
CA ARG A 280 -11.80 -14.65 0.79
C ARG A 280 -12.66 -15.49 1.75
N ALA A 281 -13.18 -16.60 1.24
CA ALA A 281 -14.02 -17.49 2.04
C ALA A 281 -13.44 -17.73 3.46
N LEU A 282 -12.15 -17.98 3.60
CA LEU A 282 -11.64 -18.19 4.91
C LEU A 282 -11.34 -16.86 5.63
N ASP A 283 -11.84 -15.72 5.09
CA ASP A 283 -11.61 -14.39 5.68
C ASP A 283 -10.15 -14.23 6.08
N LEU A 284 -9.22 -14.75 5.27
CA LEU A 284 -7.80 -14.70 5.57
C LEU A 284 -7.08 -13.37 5.16
N LEU A 285 -5.87 -13.16 5.68
CA LEU A 285 -5.15 -11.95 5.33
C LEU A 285 -3.65 -12.15 5.45
N THR A 286 -2.88 -11.24 4.81
CA THR A 286 -1.42 -11.39 4.79
C THR A 286 -0.53 -10.38 5.47
N PHE A 287 0.64 -10.84 5.82
CA PHE A 287 1.61 -9.97 6.49
C PHE A 287 2.94 -10.63 6.10
N PHE A 288 3.97 -9.86 5.76
CA PHE A 288 5.20 -10.52 5.35
C PHE A 288 6.29 -10.13 6.25
N THR A 289 7.37 -10.89 6.18
CA THR A 289 8.57 -10.50 6.86
C THR A 289 9.43 -10.15 5.63
N ALA A 290 10.28 -9.13 5.71
CA ALA A 290 11.12 -8.76 4.58
C ALA A 290 12.49 -8.24 5.01
N GLY A 291 13.54 -8.83 4.45
CA GLY A 291 14.90 -8.47 4.80
C GLY A 291 15.81 -8.58 3.62
N GLU A 292 17.11 -8.62 3.84
CA GLU A 292 18.06 -8.70 2.73
C GLU A 292 18.30 -10.12 2.44
N LYS A 293 17.87 -10.99 3.34
CA LYS A 293 18.14 -12.37 3.14
C LYS A 293 16.91 -13.07 2.66
N GLU A 294 15.74 -12.41 2.77
CA GLU A 294 14.48 -13.03 2.30
C GLU A 294 13.23 -12.20 2.38
N VAL A 295 12.28 -12.42 1.50
CA VAL A 295 11.01 -11.75 1.63
C VAL A 295 10.04 -12.93 1.76
N ARG A 296 8.91 -12.79 2.48
CA ARG A 296 7.98 -13.92 2.63
C ARG A 296 6.57 -13.56 3.09
N ALA A 297 5.57 -14.18 2.48
CA ALA A 297 4.18 -13.93 2.84
C ALA A 297 3.65 -14.97 3.84
N TRP A 298 3.07 -14.50 4.93
CA TRP A 298 2.55 -15.35 5.95
C TRP A 298 1.10 -15.07 5.97
N THR A 299 0.33 -16.11 6.26
CA THR A 299 -1.12 -16.01 6.36
C THR A 299 -1.80 -16.12 7.78
N VAL A 300 -2.84 -15.32 8.00
CA VAL A 300 -3.54 -15.41 9.28
C VAL A 300 -4.96 -14.97 9.07
N ARG A 301 -5.82 -15.41 9.98
CA ARG A 301 -7.21 -15.08 9.83
C ARG A 301 -7.40 -13.72 10.37
N ARG A 302 -8.07 -12.90 9.57
CA ARG A 302 -8.31 -11.52 9.97
C ARG A 302 -8.76 -11.63 11.38
N GLY A 303 -8.24 -10.73 12.22
CA GLY A 303 -8.61 -10.69 13.64
C GLY A 303 -7.46 -11.08 14.50
N THR A 304 -6.59 -11.91 13.93
CA THR A 304 -5.37 -12.33 14.63
C THR A 304 -4.55 -11.14 15.17
N LYS A 305 -3.95 -11.32 16.35
CA LYS A 305 -3.21 -10.25 17.00
C LYS A 305 -1.72 -10.40 16.85
N ALA A 306 -1.01 -9.30 16.94
CA ALA A 306 0.41 -9.34 16.73
C ALA A 306 1.18 -10.54 17.24
N PRO A 307 0.93 -11.04 18.45
CA PRO A 307 1.81 -12.19 18.71
C PRO A 307 1.36 -13.52 18.06
N ARG A 308 0.05 -13.81 18.00
CA ARG A 308 -0.35 -15.05 17.35
C ARG A 308 0.24 -15.04 15.93
N ALA A 309 0.28 -13.86 15.31
CA ALA A 309 0.89 -13.69 13.99
C ALA A 309 2.35 -14.10 14.08
N ALA A 310 3.09 -13.57 15.03
CA ALA A 310 4.48 -13.96 15.17
C ALA A 310 4.51 -15.51 15.30
N GLY A 311 3.37 -16.03 15.75
CA GLY A 311 3.21 -17.44 16.00
C GLY A 311 3.68 -18.29 14.88
N GLU A 312 3.16 -17.97 13.69
CA GLU A 312 3.44 -18.66 12.42
C GLU A 312 4.90 -18.85 12.09
N ILE A 313 5.62 -17.75 11.97
CA ILE A 313 7.03 -17.78 11.66
C ILE A 313 7.63 -18.81 12.59
N HIS A 314 7.46 -18.51 13.89
CA HIS A 314 7.91 -19.38 14.97
C HIS A 314 7.13 -19.12 16.23
N SER A 315 7.11 -20.12 17.13
CA SER A 315 6.40 -20.09 18.42
C SER A 315 7.11 -19.37 19.59
N ASP A 316 8.44 -19.47 19.63
CA ASP A 316 9.20 -18.78 20.67
C ASP A 316 8.86 -17.31 20.52
N MET A 317 8.47 -16.95 19.30
CA MET A 317 8.15 -15.58 19.00
C MET A 317 6.86 -15.22 19.64
N GLU A 318 5.89 -16.10 19.70
CA GLU A 318 4.69 -15.67 20.38
C GLU A 318 4.88 -15.69 21.90
N ARG A 319 5.42 -16.77 22.49
CA ARG A 319 5.51 -16.70 23.92
C ARG A 319 6.57 -15.70 24.44
N GLY A 320 7.62 -15.46 23.66
CA GLY A 320 8.61 -14.48 24.07
C GLY A 320 8.32 -13.09 23.45
N PHE A 321 7.12 -12.92 22.92
CA PHE A 321 6.79 -11.65 22.31
C PHE A 321 6.91 -10.36 23.15
N ILE A 322 7.89 -9.51 22.86
CA ILE A 322 8.00 -8.24 23.56
C ILE A 322 7.25 -7.21 22.72
N ARG A 323 7.55 -7.15 21.43
CA ARG A 323 6.87 -6.22 20.48
C ARG A 323 7.18 -6.46 19.00
N ALA A 324 6.42 -5.80 18.15
CA ALA A 324 6.64 -5.98 16.75
C ALA A 324 6.75 -4.63 16.07
N GLU A 325 7.74 -4.49 15.20
CA GLU A 325 7.92 -3.22 14.46
C GLU A 325 7.07 -3.52 13.29
N VAL A 326 6.28 -2.55 12.82
CA VAL A 326 5.36 -2.82 11.71
C VAL A 326 5.25 -1.62 10.80
N ILE A 327 5.03 -1.86 9.51
CA ILE A 327 4.85 -0.80 8.50
C ILE A 327 4.27 -1.39 7.21
N PRO A 328 3.25 -0.74 6.63
CA PRO A 328 2.70 -1.30 5.38
C PRO A 328 3.68 -1.52 4.21
N TRP A 329 3.64 -2.70 3.60
CA TRP A 329 4.53 -3.02 2.47
C TRP A 329 4.70 -1.79 1.53
N ASP A 330 3.65 -1.07 1.14
CA ASP A 330 3.87 0.10 0.31
C ASP A 330 4.90 1.12 0.94
N LYS A 331 4.63 1.68 2.13
CA LYS A 331 5.57 2.61 2.81
C LYS A 331 7.01 2.07 2.86
N LEU A 332 7.18 0.86 3.36
CA LEU A 332 8.49 0.29 3.44
C LEU A 332 9.08 0.32 2.06
N VAL A 333 8.28 0.09 1.03
CA VAL A 333 8.78 0.13 -0.35
C VAL A 333 9.10 1.56 -0.81
N GLU A 334 8.15 2.46 -0.60
CA GLU A 334 8.34 3.86 -0.99
C GLU A 334 9.63 4.41 -0.35
N ALA A 335 10.02 3.85 0.80
CA ALA A 335 11.14 4.34 1.54
C ALA A 335 12.48 3.77 1.19
N GLY A 336 12.51 2.61 0.55
CA GLY A 336 13.80 2.03 0.18
C GLY A 336 14.38 1.00 1.15
N GLY A 337 13.80 0.84 2.32
CA GLY A 337 14.37 -0.14 3.23
C GLY A 337 13.99 0.22 4.66
N TRP A 338 14.41 -0.61 5.63
CA TRP A 338 14.05 -0.37 7.01
C TRP A 338 14.48 0.97 7.50
N ALA A 339 15.79 1.12 7.68
CA ALA A 339 16.41 2.35 8.15
C ALA A 339 15.73 3.64 7.68
N ARG A 340 15.61 3.81 6.36
CA ARG A 340 14.98 4.99 5.80
C ARG A 340 13.53 5.16 6.20
N ALA A 341 12.83 4.04 6.24
CA ALA A 341 11.45 4.04 6.65
C ALA A 341 11.40 4.61 8.08
N LYS A 342 12.41 4.27 8.91
CA LYS A 342 12.48 4.78 10.27
C LYS A 342 12.77 6.29 10.30
N GLU A 343 13.66 6.73 9.41
CA GLU A 343 13.98 8.15 9.30
C GLU A 343 12.74 8.91 8.79
N ARG A 344 11.91 8.25 8.00
CA ARG A 344 10.71 8.92 7.56
C ARG A 344 9.70 8.88 8.70
N GLY A 345 10.16 8.17 9.78
CA GLY A 345 9.40 7.95 11.00
C GLY A 345 8.12 7.24 10.62
N TRP A 346 8.22 6.08 9.98
CA TRP A 346 7.06 5.27 9.50
C TRP A 346 6.95 3.84 9.99
N VAL A 347 7.88 3.35 10.78
CA VAL A 347 7.86 1.98 11.30
C VAL A 347 7.29 2.02 12.70
N ARG A 348 6.02 1.70 12.87
CA ARG A 348 5.40 1.69 14.18
C ARG A 348 5.84 0.55 15.16
N LEU A 349 5.78 0.83 16.49
CA LEU A 349 6.08 -0.20 17.53
C LEU A 349 4.69 -0.64 18.03
N GLU A 350 4.38 -1.93 17.90
CA GLU A 350 3.07 -2.48 18.29
C GLU A 350 3.12 -3.57 19.39
N GLY A 351 2.08 -3.55 20.24
CA GLY A 351 1.97 -4.43 21.37
C GLY A 351 1.06 -5.64 21.31
N LYS A 352 1.27 -6.51 22.29
CA LYS A 352 0.51 -7.72 22.45
C LYS A 352 -0.85 -7.70 21.80
N ASP A 353 -1.56 -6.59 21.81
CA ASP A 353 -2.84 -6.73 21.17
C ASP A 353 -3.04 -5.91 19.88
N TYR A 354 -1.99 -5.79 19.09
CA TYR A 354 -2.12 -5.10 17.82
C TYR A 354 -2.74 -6.09 16.82
N GLU A 355 -3.76 -5.59 16.14
CA GLU A 355 -4.38 -6.43 15.14
C GLU A 355 -3.68 -6.36 13.78
N VAL A 356 -2.81 -7.35 13.48
CA VAL A 356 -2.10 -7.41 12.18
C VAL A 356 -3.02 -6.99 11.02
N GLN A 357 -2.48 -6.24 10.06
CA GLN A 357 -3.29 -5.80 8.94
C GLN A 357 -2.80 -6.31 7.57
N ASP A 358 -3.71 -6.40 6.60
CA ASP A 358 -3.34 -6.92 5.29
C ASP A 358 -2.24 -6.07 4.80
N GLY A 359 -1.25 -6.68 4.18
CA GLY A 359 -0.14 -5.88 3.68
C GLY A 359 0.94 -5.59 4.72
N ASP A 360 0.58 -5.49 5.99
CA ASP A 360 1.54 -5.27 7.08
C ASP A 360 2.88 -5.99 6.96
N VAL A 361 3.95 -5.28 7.32
CA VAL A 361 5.28 -5.88 7.28
C VAL A 361 5.77 -5.87 8.73
N ILE A 362 6.25 -7.03 9.14
CA ILE A 362 6.63 -7.22 10.52
C ILE A 362 7.99 -7.72 10.89
N TYR A 363 8.55 -7.09 11.91
CA TYR A 363 9.81 -7.52 12.45
C TYR A 363 9.48 -7.65 13.91
N VAL A 364 9.70 -8.85 14.46
CA VAL A 364 9.33 -9.14 15.84
C VAL A 364 10.49 -9.13 16.79
N LEU A 365 10.31 -8.44 17.92
CA LEU A 365 11.31 -8.34 18.98
C LEU A 365 10.78 -9.21 20.10
N PHE A 366 11.31 -10.44 20.21
CA PHE A 366 10.88 -11.43 21.20
C PHE A 366 12.02 -11.80 22.09
N ASN A 367 11.80 -12.72 23.03
CA ASN A 367 12.87 -13.04 24.00
C ASN A 367 13.74 -14.28 23.94
N ALA A 368 13.13 -15.46 24.01
CA ALA A 368 13.93 -16.69 23.99
C ALA A 368 13.25 -17.79 23.19
N LEU B 2 8.89 27.54 -9.17
CA LEU B 2 9.12 27.37 -7.70
C LEU B 2 10.51 26.84 -7.48
N ALA B 3 11.18 27.38 -6.48
CA ALA B 3 12.53 26.97 -6.18
C ALA B 3 12.94 27.32 -4.75
N VAL B 4 13.94 26.60 -4.29
CA VAL B 4 14.47 26.72 -2.96
C VAL B 4 15.69 27.56 -3.14
N GLY B 5 15.80 28.61 -2.33
CA GLY B 5 16.94 29.49 -2.40
C GLY B 5 17.91 29.10 -1.31
N ILE B 6 19.17 28.84 -1.69
CA ILE B 6 20.21 28.51 -0.71
C ILE B 6 20.99 29.72 -0.21
N VAL B 7 21.09 29.85 1.10
CA VAL B 7 21.81 30.93 1.71
C VAL B 7 22.74 30.35 2.74
N GLY B 8 23.49 31.26 3.34
CA GLY B 8 24.45 30.88 4.33
C GLY B 8 25.54 31.94 4.28
N LEU B 9 26.03 32.31 5.46
CA LEU B 9 27.05 33.33 5.57
C LEU B 9 28.38 32.65 5.29
N PRO B 10 28.84 32.74 4.02
CA PRO B 10 30.06 32.19 3.42
C PRO B 10 31.10 31.53 4.32
N ASN B 11 31.76 30.55 3.72
CA ASN B 11 32.77 29.75 4.37
C ASN B 11 32.16 28.93 5.52
N VAL B 12 30.98 28.39 5.20
CA VAL B 12 30.16 27.51 6.03
C VAL B 12 30.13 26.31 5.08
N GLY B 13 30.02 26.62 3.79
CA GLY B 13 29.97 25.59 2.78
C GLY B 13 28.86 25.92 1.79
N LYS B 14 27.98 26.86 2.15
CA LYS B 14 26.85 27.23 1.29
C LYS B 14 27.17 26.97 -0.16
N SER B 15 28.39 27.32 -0.58
CA SER B 15 28.81 27.09 -1.98
C SER B 15 29.31 25.66 -2.22
N THR B 16 30.36 25.26 -1.50
CA THR B 16 30.91 23.91 -1.60
C THR B 16 29.79 22.97 -2.03
N LEU B 17 28.64 23.10 -1.35
CA LEU B 17 27.46 22.29 -1.60
C LEU B 17 26.77 22.61 -2.90
N PHE B 18 26.43 23.87 -3.10
CA PHE B 18 25.76 24.25 -4.34
C PHE B 18 26.65 23.93 -5.53
N ASN B 19 27.86 23.55 -5.18
CA ASN B 19 28.86 23.20 -6.15
C ASN B 19 28.60 21.75 -6.56
N ALA B 20 28.70 20.81 -5.62
CA ALA B 20 28.45 19.41 -5.96
C ALA B 20 27.13 19.31 -6.68
N LEU B 21 26.12 20.04 -6.25
CA LEU B 21 24.84 19.96 -6.94
C LEU B 21 25.04 20.16 -8.46
N THR B 22 25.62 21.29 -8.85
CA THR B 22 25.86 21.58 -10.27
C THR B 22 26.84 20.60 -10.86
N ARG B 23 27.93 20.32 -10.13
CA ARG B 23 28.88 19.34 -10.65
C ARG B 23 28.16 18.15 -11.29
N ALA B 24 27.44 17.38 -10.48
CA ALA B 24 26.74 16.21 -10.99
C ALA B 24 25.56 16.55 -11.84
N ASN B 25 25.11 17.79 -11.80
CA ASN B 25 23.97 18.10 -12.65
C ASN B 25 24.53 18.17 -14.08
N ALA B 26 25.79 18.60 -14.16
CA ALA B 26 26.48 18.79 -15.44
C ALA B 26 27.03 17.52 -16.03
N LEU B 27 26.45 16.39 -15.64
CA LEU B 27 26.86 15.11 -16.17
C LEU B 27 25.54 14.46 -16.64
N ALA B 28 24.86 15.23 -17.50
CA ALA B 28 23.59 14.82 -18.11
C ALA B 28 23.06 15.89 -19.06
N LYS B 38 24.40 28.93 -14.00
CA LYS B 38 25.50 28.53 -13.14
C LYS B 38 25.20 28.81 -11.67
N ASN B 39 24.12 29.56 -11.44
CA ASN B 39 23.65 29.91 -10.08
C ASN B 39 22.38 29.13 -9.78
N VAL B 40 22.00 28.25 -10.71
CA VAL B 40 20.79 27.46 -10.62
C VAL B 40 21.00 25.98 -10.89
N GLY B 41 20.85 25.15 -9.85
CA GLY B 41 21.01 23.70 -9.97
C GLY B 41 19.72 22.91 -9.76
N VAL B 42 19.76 21.61 -10.03
CA VAL B 42 18.58 20.80 -9.78
C VAL B 42 19.00 19.45 -9.25
N VAL B 43 18.15 18.92 -8.36
CA VAL B 43 18.35 17.62 -7.77
C VAL B 43 17.16 16.79 -8.22
N PRO B 44 17.44 15.68 -8.90
CA PRO B 44 16.33 14.84 -9.36
C PRO B 44 15.80 14.13 -8.10
N LEU B 45 14.50 14.06 -7.97
CA LEU B 45 13.99 13.41 -6.81
C LEU B 45 13.99 11.93 -7.12
N GLU B 46 14.66 11.17 -6.24
CA GLU B 46 14.75 9.72 -6.34
C GLU B 46 13.50 9.09 -5.67
N ASP B 47 12.57 8.61 -6.48
CA ASP B 47 11.34 8.03 -5.98
C ASP B 47 11.25 6.52 -6.25
N GLU B 48 11.47 5.73 -5.19
CA GLU B 48 11.48 4.27 -5.32
C GLU B 48 10.19 3.65 -5.90
N ARG B 49 9.08 4.40 -5.84
CA ARG B 49 7.80 3.97 -6.39
C ARG B 49 7.91 3.98 -7.93
N LEU B 50 8.92 4.67 -8.45
CA LEU B 50 9.08 4.74 -9.87
C LEU B 50 9.63 3.37 -10.16
N TYR B 51 10.70 2.99 -9.47
CA TYR B 51 11.29 1.67 -9.72
C TYR B 51 10.34 0.52 -9.51
N ALA B 52 9.41 0.69 -8.59
CA ALA B 52 8.48 -0.36 -8.26
C ALA B 52 7.50 -0.40 -9.39
N LEU B 53 7.03 0.78 -9.75
CA LEU B 53 6.08 0.93 -10.85
C LEU B 53 6.65 0.38 -12.16
N GLN B 54 7.94 0.59 -12.39
CA GLN B 54 8.64 0.16 -13.59
C GLN B 54 8.45 -1.31 -13.73
N ARG B 55 8.78 -2.07 -12.69
CA ARG B 55 8.62 -3.54 -12.73
C ARG B 55 7.22 -3.95 -13.19
N THR B 56 6.23 -3.36 -12.54
CA THR B 56 4.83 -3.61 -12.85
C THR B 56 4.47 -3.54 -14.35
N PHE B 57 5.31 -2.87 -15.15
CA PHE B 57 5.03 -2.75 -16.58
C PHE B 57 6.20 -3.28 -17.40
N ALA B 58 7.06 -4.05 -16.74
CA ALA B 58 8.20 -4.61 -17.41
C ALA B 58 7.80 -5.86 -18.16
N LYS B 59 7.20 -5.70 -19.33
CA LYS B 59 6.79 -6.84 -20.18
C LYS B 59 7.99 -7.41 -20.99
N GLY B 60 8.12 -8.73 -21.02
CA GLY B 60 9.25 -9.32 -21.70
C GLY B 60 10.40 -8.86 -20.83
N GLU B 61 11.61 -8.82 -21.38
CA GLU B 61 12.74 -8.35 -20.59
C GLU B 61 12.75 -6.82 -20.76
N ARG B 62 11.80 -6.34 -21.57
CA ARG B 62 11.65 -4.92 -21.94
C ARG B 62 11.17 -3.90 -20.89
N VAL B 63 12.11 -3.42 -20.09
CA VAL B 63 11.82 -2.46 -19.04
C VAL B 63 11.51 -1.05 -19.51
N PRO B 64 10.39 -0.49 -19.04
CA PRO B 64 9.98 0.87 -19.43
C PRO B 64 10.88 1.85 -18.69
N PRO B 65 11.08 3.04 -19.28
CA PRO B 65 11.89 4.15 -18.78
C PRO B 65 11.26 4.96 -17.62
N VAL B 66 12.12 5.25 -16.65
CA VAL B 66 11.78 6.00 -15.46
C VAL B 66 12.30 7.44 -15.57
N VAL B 67 11.35 8.36 -15.54
CA VAL B 67 11.61 9.78 -15.61
C VAL B 67 11.18 10.47 -14.31
N PRO B 68 12.15 10.97 -13.54
CA PRO B 68 11.78 11.63 -12.28
C PRO B 68 11.49 13.10 -12.31
N THR B 69 11.11 13.64 -11.17
CA THR B 69 10.86 15.06 -11.05
C THR B 69 12.07 15.49 -10.25
N HIS B 70 12.31 16.80 -10.14
CA HIS B 70 13.52 17.31 -9.44
C HIS B 70 13.12 18.44 -8.55
N VAL B 71 14.06 18.91 -7.73
CA VAL B 71 13.77 20.06 -6.84
C VAL B 71 14.76 21.10 -7.33
N GLU B 72 14.26 22.29 -7.68
CA GLU B 72 15.13 23.35 -8.15
C GLU B 72 15.78 24.24 -7.08
N PHE B 73 17.10 24.21 -7.01
CA PHE B 73 17.83 25.06 -6.05
C PHE B 73 18.51 26.32 -6.64
N VAL B 74 18.60 27.37 -5.84
CA VAL B 74 19.15 28.65 -6.30
C VAL B 74 20.09 29.31 -5.31
N ASP B 75 21.39 29.27 -5.58
CA ASP B 75 22.38 29.88 -4.67
C ASP B 75 22.10 31.37 -4.61
N ILE B 76 21.46 31.82 -3.53
CA ILE B 76 21.11 33.23 -3.38
C ILE B 76 22.31 34.16 -3.54
N ALA B 77 23.37 33.89 -2.79
CA ALA B 77 24.59 34.69 -2.86
C ALA B 77 24.96 34.87 -4.33
N GLY B 78 24.75 33.81 -5.11
CA GLY B 78 25.06 33.83 -6.54
C GLY B 78 24.53 34.96 -7.40
N LEU B 79 23.20 35.04 -7.57
CA LEU B 79 22.57 36.07 -8.41
C LEU B 79 23.15 37.48 -8.29
N VAL B 80 24.21 37.60 -7.49
CA VAL B 80 24.95 38.84 -7.26
C VAL B 80 26.46 38.52 -7.27
N ASN B 91 19.94 44.70 0.33
CA ASN B 91 18.76 45.03 -0.47
C ASN B 91 18.79 44.25 -1.76
N GLN B 92 19.95 43.66 -2.05
CA GLN B 92 20.06 42.80 -3.20
C GLN B 92 19.72 41.42 -2.60
N PHE B 93 20.43 41.02 -1.55
CA PHE B 93 20.12 39.76 -0.90
C PHE B 93 18.57 39.73 -0.78
N LEU B 94 18.00 40.64 -0.03
CA LEU B 94 16.56 40.65 0.15
C LEU B 94 15.69 40.28 -1.05
N ALA B 95 15.87 40.97 -2.17
CA ALA B 95 15.07 40.69 -3.37
C ALA B 95 15.40 39.33 -3.94
N HIS B 96 16.63 38.84 -3.77
CA HIS B 96 16.91 37.51 -4.28
C HIS B 96 16.18 36.42 -3.44
N ILE B 97 15.95 36.71 -2.17
CA ILE B 97 15.21 35.83 -1.26
C ILE B 97 13.70 35.95 -1.60
N ARG B 98 13.33 37.09 -2.20
CA ARG B 98 11.95 37.38 -2.54
C ARG B 98 11.51 36.68 -3.78
N GLU B 99 12.48 36.19 -4.54
CA GLU B 99 12.23 35.41 -5.77
C GLU B 99 11.83 34.02 -5.32
N VAL B 100 12.78 33.25 -4.76
CA VAL B 100 12.51 31.92 -4.21
C VAL B 100 11.22 31.74 -3.39
N ALA B 101 10.85 30.48 -3.16
CA ALA B 101 9.67 30.16 -2.36
C ALA B 101 10.00 29.42 -1.07
N ALA B 102 11.27 29.20 -0.80
CA ALA B 102 11.64 28.55 0.44
C ALA B 102 13.14 28.85 0.66
N ILE B 103 13.64 28.64 1.88
CA ILE B 103 15.03 28.93 2.07
C ILE B 103 15.72 27.81 2.82
N ALA B 104 16.82 27.38 2.25
CA ALA B 104 17.60 26.33 2.84
C ALA B 104 18.91 27.00 3.26
N HIS B 105 18.92 27.41 4.52
CA HIS B 105 20.04 28.09 5.10
C HIS B 105 21.09 27.18 5.74
N VAL B 106 22.20 26.94 5.02
CA VAL B 106 23.37 26.14 5.48
C VAL B 106 24.01 26.71 6.77
N LEU B 107 24.13 25.92 7.84
CA LEU B 107 24.77 26.42 9.06
C LEU B 107 25.88 25.45 9.42
N ARG B 108 27.12 25.94 9.55
CA ARG B 108 28.26 25.06 9.88
C ARG B 108 28.29 24.59 11.34
N CYS B 109 28.56 23.30 11.53
CA CYS B 109 28.61 22.69 12.84
C CYS B 109 29.94 21.98 13.11
N PHE B 110 31.01 22.47 12.48
CA PHE B 110 32.34 21.93 12.71
C PHE B 110 33.38 22.84 12.07
N PRO B 111 34.52 23.04 12.76
CA PRO B 111 35.71 23.86 12.46
C PRO B 111 36.31 23.80 11.06
N ASP B 123 29.78 29.36 16.50
CA ASP B 123 28.36 29.15 16.81
C ASP B 123 27.52 29.49 15.58
N PRO B 124 26.69 28.53 15.12
CA PRO B 124 25.82 28.73 13.96
C PRO B 124 24.41 29.21 14.24
N LEU B 125 23.98 29.21 15.49
CA LEU B 125 22.63 29.70 15.72
C LEU B 125 22.63 31.18 15.36
N GLU B 126 23.84 31.70 15.14
CA GLU B 126 24.12 33.10 14.80
C GLU B 126 23.73 33.57 13.38
N ASP B 127 24.34 32.97 12.34
CA ASP B 127 24.03 33.34 10.94
C ASP B 127 22.50 33.30 10.80
N ALA B 128 21.91 32.37 11.55
CA ALA B 128 20.50 32.17 11.61
C ALA B 128 19.87 33.41 12.23
N GLU B 129 20.42 33.85 13.37
CA GLU B 129 19.90 35.04 14.07
C GLU B 129 20.01 36.27 13.20
N VAL B 130 21.10 36.30 12.43
CA VAL B 130 21.37 37.36 11.50
C VAL B 130 20.24 37.44 10.43
N VAL B 131 20.26 36.44 9.55
CA VAL B 131 19.30 36.33 8.46
C VAL B 131 17.85 36.41 8.90
N GLU B 132 17.52 35.88 10.09
CA GLU B 132 16.09 35.93 10.47
C GLU B 132 15.74 37.30 11.03
N THR B 133 16.79 38.03 11.41
CA THR B 133 16.60 39.36 11.91
C THR B 133 16.46 40.22 10.65
N GLU B 134 17.34 40.00 9.65
CA GLU B 134 17.23 40.76 8.39
C GLU B 134 15.80 40.77 7.90
N LEU B 135 15.28 39.53 7.90
CA LEU B 135 13.91 39.17 7.47
C LEU B 135 12.85 39.75 8.38
N LEU B 136 13.05 39.61 9.69
CA LEU B 136 12.10 40.15 10.63
C LEU B 136 11.91 41.64 10.39
N LEU B 137 13.01 42.33 10.11
CA LEU B 137 12.94 43.78 9.86
C LEU B 137 12.27 44.08 8.50
N ALA B 138 12.66 43.37 7.45
CA ALA B 138 12.02 43.64 6.19
C ALA B 138 10.52 43.51 6.33
N ASP B 139 10.07 42.44 6.98
CA ASP B 139 8.62 42.23 7.12
C ASP B 139 7.97 43.31 7.95
N LEU B 140 8.62 43.60 9.09
CA LEU B 140 8.12 44.58 10.03
C LEU B 140 7.91 45.84 9.29
N ALA B 141 8.92 46.22 8.51
CA ALA B 141 8.79 47.44 7.72
C ALA B 141 7.60 47.35 6.75
N THR B 142 7.46 46.19 6.09
CA THR B 142 6.36 45.99 5.14
C THR B 142 4.97 46.04 5.77
N LEU B 143 4.84 45.60 7.00
CA LEU B 143 3.52 45.67 7.63
C LEU B 143 3.26 47.06 8.04
N GLU B 144 4.26 47.68 8.67
CA GLU B 144 4.06 49.02 9.16
C GLU B 144 3.56 49.92 8.05
N ARG B 145 4.08 49.74 6.82
CA ARG B 145 3.61 50.54 5.69
C ARG B 145 2.22 50.02 5.29
N ARG B 146 2.14 48.70 5.09
CA ARG B 146 0.86 48.08 4.70
C ARG B 146 -0.24 48.43 5.64
N LEU B 147 0.05 48.14 6.91
CA LEU B 147 -0.86 48.38 8.02
C LEU B 147 -1.40 49.80 8.02
N GLU B 148 -0.57 50.74 7.55
CA GLU B 148 -0.96 52.14 7.45
C GLU B 148 -1.89 52.25 6.27
N ARG B 149 -1.32 52.16 5.07
CA ARG B 149 -2.17 52.27 3.91
C ARG B 149 -3.39 51.39 4.14
N LEU B 150 -3.21 50.15 4.61
CA LEU B 150 -4.34 49.23 4.80
C LEU B 150 -5.28 49.72 5.83
N ARG B 151 -4.76 49.93 7.02
CA ARG B 151 -5.57 50.40 8.12
C ARG B 151 -6.67 51.41 7.72
N LYS B 152 -6.43 52.22 6.69
CA LYS B 152 -7.45 53.19 6.26
C LYS B 152 -8.46 52.56 5.29
N GLU B 153 -8.00 51.66 4.41
CA GLU B 153 -8.91 51.02 3.47
C GLU B 153 -9.89 50.27 4.34
N ALA B 154 -9.35 49.60 5.35
CA ALA B 154 -10.13 48.83 6.30
C ALA B 154 -11.32 49.65 6.78
N ARG B 155 -11.20 50.97 6.72
CA ARG B 155 -12.26 51.81 7.18
C ARG B 155 -13.24 52.26 6.13
N ALA B 156 -12.78 52.98 5.10
CA ALA B 156 -13.70 53.42 4.06
C ALA B 156 -14.36 52.23 3.34
N ASP B 157 -14.13 51.02 3.87
CA ASP B 157 -14.68 49.74 3.34
C ASP B 157 -14.81 48.68 4.46
N ARG B 158 -16.02 48.17 4.66
CA ARG B 158 -16.34 47.21 5.73
C ARG B 158 -15.69 45.85 5.81
N GLU B 159 -15.68 45.10 4.72
CA GLU B 159 -15.15 43.74 4.70
C GLU B 159 -13.63 43.56 4.76
N ARG B 160 -12.89 44.67 4.78
CA ARG B 160 -11.43 44.62 4.85
C ARG B 160 -10.96 44.35 6.26
N LEU B 161 -11.90 44.26 7.19
CA LEU B 161 -11.58 44.01 8.60
C LEU B 161 -10.81 42.71 8.81
N PRO B 162 -11.33 41.56 8.31
CA PRO B 162 -10.67 40.25 8.45
C PRO B 162 -9.20 40.26 8.02
N LEU B 163 -8.86 41.18 7.13
CA LEU B 163 -7.53 41.33 6.61
C LEU B 163 -6.71 42.11 7.63
N LEU B 164 -7.20 43.32 7.94
CA LEU B 164 -6.58 44.18 8.92
C LEU B 164 -6.34 43.31 10.15
N GLU B 165 -7.41 42.70 10.64
CA GLU B 165 -7.33 41.85 11.82
C GLU B 165 -6.09 40.97 11.68
N ALA B 166 -5.95 40.30 10.54
CA ALA B 166 -4.79 39.46 10.33
C ALA B 166 -3.49 40.27 10.29
N ALA B 167 -3.43 41.39 9.52
CA ALA B 167 -2.17 42.21 9.46
C ALA B 167 -1.82 42.73 10.88
N GLU B 168 -2.78 43.38 11.52
CA GLU B 168 -2.57 43.82 12.88
C GLU B 168 -1.96 42.60 13.58
N GLY B 169 -2.76 41.56 13.71
CA GLY B 169 -2.30 40.34 14.36
C GLY B 169 -0.95 39.80 13.90
N LEU B 170 -0.71 39.85 12.60
CA LEU B 170 0.55 39.38 12.10
C LEU B 170 1.68 40.34 12.59
N TYR B 171 1.32 41.61 12.88
CA TYR B 171 2.29 42.61 13.36
C TYR B 171 2.79 42.21 14.76
N VAL B 172 1.85 42.10 15.69
CA VAL B 172 2.14 41.71 17.07
C VAL B 172 2.94 40.43 17.10
N HIS B 173 2.64 39.52 16.17
CA HIS B 173 3.34 38.24 16.11
C HIS B 173 4.80 38.46 15.75
N LEU B 174 5.05 39.25 14.71
CA LEU B 174 6.44 39.47 14.33
C LEU B 174 7.14 40.32 15.34
N GLN B 175 6.43 41.25 15.93
CA GLN B 175 7.09 42.05 16.92
C GLN B 175 7.73 41.16 17.99
N GLU B 176 7.04 40.08 18.40
CA GLU B 176 7.60 39.13 19.39
C GLU B 176 8.77 38.35 18.79
N GLY B 177 9.03 38.62 17.51
CA GLY B 177 10.16 37.96 16.89
C GLY B 177 9.90 36.54 16.45
N LYS B 178 8.63 36.26 16.20
CA LYS B 178 8.26 34.95 15.73
C LYS B 178 8.08 35.18 14.23
N PRO B 179 8.54 34.23 13.40
CA PRO B 179 8.49 34.22 11.92
C PRO B 179 7.03 34.26 11.53
N ALA B 180 6.74 34.87 10.39
CA ALA B 180 5.35 34.92 9.91
C ALA B 180 4.87 33.54 9.44
N ARG B 181 5.78 32.57 9.35
CA ARG B 181 5.44 31.19 8.92
C ARG B 181 4.73 30.42 10.04
N THR B 182 5.14 30.61 11.31
CA THR B 182 4.49 29.88 12.39
C THR B 182 3.26 30.62 12.87
N PHE B 183 2.60 31.33 12.00
CA PHE B 183 1.39 32.01 12.43
C PHE B 183 0.17 31.12 12.17
N PRO B 184 -0.73 30.93 13.17
CA PRO B 184 -1.95 30.12 13.04
C PRO B 184 -2.65 30.56 11.76
N PRO B 185 -2.91 29.59 10.83
CA PRO B 185 -3.54 29.71 9.51
C PRO B 185 -4.95 30.21 9.63
N SER B 186 -5.37 31.08 8.72
CA SER B 186 -6.73 31.61 8.74
C SER B 186 -7.18 31.79 7.28
N GLU B 187 -8.46 31.61 7.00
CA GLU B 187 -8.89 31.73 5.62
C GLU B 187 -8.70 33.15 5.12
N ALA B 188 -8.11 34.00 5.97
CA ALA B 188 -7.84 35.41 5.63
C ALA B 188 -6.32 35.69 5.67
N VAL B 189 -5.70 35.18 6.73
CA VAL B 189 -4.27 35.28 6.94
C VAL B 189 -3.53 34.72 5.74
N ALA B 190 -4.26 34.46 4.65
CA ALA B 190 -3.68 33.92 3.40
C ALA B 190 -4.14 34.85 2.26
N ARG B 191 -5.26 35.52 2.48
CA ARG B 191 -5.72 36.50 1.50
C ARG B 191 -4.66 37.57 1.66
N PHE B 192 -4.16 37.69 2.89
CA PHE B 192 -3.16 38.66 3.17
C PHE B 192 -1.79 38.34 2.61
N LEU B 193 -1.21 37.26 3.11
CA LEU B 193 0.10 36.83 2.66
C LEU B 193 0.27 36.72 1.15
N LYS B 194 -0.85 36.56 0.45
CA LYS B 194 -0.84 36.41 -0.99
C LYS B 194 -0.78 37.79 -1.62
N GLU B 195 -1.55 38.69 -1.01
CA GLU B 195 -1.64 40.07 -1.43
C GLU B 195 -0.38 40.81 -1.01
N THR B 196 0.24 40.35 0.07
CA THR B 196 1.45 40.99 0.59
C THR B 196 2.48 39.96 1.13
N PRO B 197 3.37 39.44 0.26
CA PRO B 197 4.38 38.46 0.74
C PRO B 197 5.24 38.99 1.90
N LEU B 198 5.43 38.17 2.93
CA LEU B 198 6.26 38.55 4.02
C LEU B 198 7.46 37.65 3.81
N LEU B 199 8.66 38.12 4.01
CA LEU B 199 9.73 37.19 3.74
C LEU B 199 9.74 36.05 4.70
N THR B 200 9.23 36.25 5.90
CA THR B 200 9.31 35.15 6.84
C THR B 200 8.27 34.04 6.64
N ALA B 201 7.26 34.34 5.84
CA ALA B 201 6.22 33.40 5.54
C ALA B 201 6.75 32.27 4.68
N LYS B 202 7.96 32.42 4.17
CA LYS B 202 8.59 31.44 3.31
C LYS B 202 9.11 30.27 4.11
N PRO B 203 9.13 29.06 3.53
CA PRO B 203 9.63 27.95 4.34
C PRO B 203 11.12 27.80 4.54
N VAL B 204 11.47 27.53 5.78
CA VAL B 204 12.86 27.43 6.17
C VAL B 204 13.33 26.00 6.45
N ILE B 205 14.55 25.74 6.02
CA ILE B 205 15.24 24.46 6.18
C ILE B 205 16.66 24.75 6.68
N TYR B 206 17.03 24.12 7.80
CA TYR B 206 18.34 24.28 8.39
C TYR B 206 19.29 23.23 7.92
N VAL B 207 19.88 23.52 6.78
CA VAL B 207 20.85 22.66 6.16
C VAL B 207 22.11 22.57 7.04
N ALA B 208 21.96 22.00 8.24
CA ALA B 208 23.10 21.82 9.15
C ALA B 208 24.11 20.90 8.52
N ASN B 209 25.32 21.42 8.35
CA ASN B 209 26.46 20.70 7.77
C ASN B 209 27.38 20.13 8.85
N VAL B 210 27.83 18.88 8.69
CA VAL B 210 28.72 18.29 9.69
C VAL B 210 29.86 17.41 9.17
N ALA B 211 30.67 16.96 10.12
CA ALA B 211 31.79 16.08 9.84
C ALA B 211 31.25 14.73 9.36
N GLU B 212 32.06 14.04 8.54
CA GLU B 212 31.71 12.74 7.98
C GLU B 212 31.24 11.74 9.05
N GLU B 213 31.93 11.76 10.18
CA GLU B 213 31.63 10.86 11.26
C GLU B 213 30.39 11.21 12.07
N ASP B 214 30.11 12.51 12.26
CA ASP B 214 28.92 12.89 13.03
C ASP B 214 27.69 12.39 12.26
N LEU B 215 27.89 12.18 10.97
CA LEU B 215 26.83 11.68 10.13
C LEU B 215 26.38 10.38 10.78
N PRO B 216 25.15 9.93 10.51
CA PRO B 216 24.04 10.41 9.68
C PRO B 216 23.22 11.63 10.07
N ASP B 217 23.23 12.02 11.35
CA ASP B 217 22.41 13.17 11.73
C ASP B 217 23.13 13.93 12.86
N GLY B 218 24.42 13.54 13.02
CA GLY B 218 25.23 14.16 14.04
C GLY B 218 24.52 14.10 15.38
N ARG B 219 24.26 12.85 15.80
CA ARG B 219 23.64 12.58 17.07
C ARG B 219 24.78 12.92 18.00
N GLY B 220 24.49 13.67 19.06
CA GLY B 220 25.52 14.05 20.00
C GLY B 220 26.13 15.44 19.81
N ASN B 221 26.16 15.91 18.56
CA ASN B 221 26.71 17.24 18.26
C ASN B 221 25.93 18.29 19.01
N PRO B 222 26.40 18.66 20.18
CA PRO B 222 25.73 19.66 20.99
C PRO B 222 25.24 20.89 20.23
N GLN B 223 25.96 21.28 19.18
CA GLN B 223 25.56 22.46 18.40
C GLN B 223 24.40 22.12 17.50
N VAL B 224 24.51 20.98 16.81
CA VAL B 224 23.46 20.50 15.92
C VAL B 224 22.19 20.18 16.70
N GLU B 225 22.34 20.08 18.02
CA GLU B 225 21.23 19.80 18.93
C GLU B 225 20.48 21.13 19.13
N ALA B 226 21.27 22.18 19.20
CA ALA B 226 20.75 23.51 19.38
C ALA B 226 19.93 23.78 18.13
N VAL B 227 20.53 23.48 16.98
CA VAL B 227 19.90 23.68 15.67
C VAL B 227 18.56 22.96 15.51
N ARG B 228 18.46 21.71 15.95
CA ARG B 228 17.17 21.02 15.84
C ARG B 228 16.26 21.76 16.79
N ARG B 229 16.86 22.15 17.92
CA ARG B 229 16.20 22.88 18.98
C ARG B 229 15.63 24.23 18.52
N LYS B 230 16.46 25.02 17.85
CA LYS B 230 16.05 26.35 17.34
C LYS B 230 14.96 26.23 16.27
N ALA B 231 15.17 25.27 15.37
CA ALA B 231 14.24 25.05 14.29
C ALA B 231 12.79 24.87 14.79
N LEU B 232 12.63 24.01 15.82
CA LEU B 232 11.33 23.69 16.42
C LEU B 232 10.68 24.98 16.80
N GLU B 233 11.49 25.91 17.32
CA GLU B 233 11.01 27.22 17.71
C GLU B 233 10.75 28.10 16.51
N GLU B 234 11.49 27.87 15.43
CA GLU B 234 11.33 28.67 14.22
C GLU B 234 10.51 28.08 13.04
N GLY B 235 9.87 26.91 13.20
CA GLY B 235 9.08 26.34 12.14
C GLY B 235 9.92 25.79 11.00
N ALA B 236 11.07 25.19 11.32
CA ALA B 236 11.97 24.67 10.27
C ALA B 236 12.44 23.22 10.40
N GLU B 237 12.51 22.55 9.25
CA GLU B 237 12.98 21.19 9.22
C GLU B 237 14.48 21.29 9.36
N VAL B 238 15.14 20.27 9.85
CA VAL B 238 16.58 20.39 9.95
C VAL B 238 17.29 19.25 9.19
N VAL B 239 17.76 19.48 7.96
CA VAL B 239 18.43 18.41 7.21
C VAL B 239 19.91 18.38 7.51
N VAL B 240 20.42 17.24 7.96
CA VAL B 240 21.84 17.13 8.32
C VAL B 240 22.70 16.52 7.24
N VAL B 241 23.55 17.33 6.62
CA VAL B 241 24.46 16.84 5.57
C VAL B 241 25.95 17.14 5.86
N SER B 242 26.78 16.89 4.85
CA SER B 242 28.23 17.14 4.85
C SER B 242 28.60 17.37 3.37
N ALA B 243 28.61 18.63 2.97
CA ALA B 243 28.94 19.02 1.59
C ALA B 243 30.23 18.40 1.05
N ARG B 244 31.21 18.15 1.93
CA ARG B 244 32.46 17.56 1.45
C ARG B 244 32.17 16.21 0.80
N LEU B 245 31.43 15.36 1.52
CA LEU B 245 31.08 14.03 1.02
C LEU B 245 30.19 14.14 -0.19
N GLU B 246 29.30 15.12 -0.18
CA GLU B 246 28.37 15.34 -1.28
C GLU B 246 29.12 15.80 -2.52
N ALA B 247 30.37 16.17 -2.33
CA ALA B 247 31.18 16.64 -3.44
C ALA B 247 32.04 15.47 -3.93
N GLU B 248 32.34 14.55 -3.02
CA GLU B 248 33.12 13.38 -3.40
C GLU B 248 32.23 12.68 -4.43
N LEU B 249 31.22 12.00 -3.90
CA LEU B 249 30.27 11.28 -4.71
C LEU B 249 29.67 12.15 -5.80
N ALA B 250 29.85 13.45 -5.72
CA ALA B 250 29.27 14.29 -6.75
C ALA B 250 29.56 13.75 -8.15
N GLU B 251 30.55 12.85 -8.23
CA GLU B 251 30.95 12.27 -9.52
C GLU B 251 31.11 10.74 -9.49
N LEU B 252 31.57 10.23 -8.33
CA LEU B 252 31.79 8.80 -8.12
C LEU B 252 30.69 7.88 -8.69
N SER B 253 31.10 7.00 -9.62
CA SER B 253 30.19 6.07 -10.28
C SER B 253 28.95 5.69 -9.47
N GLY B 254 27.83 5.61 -10.16
CA GLY B 254 26.56 5.26 -9.54
C GLY B 254 26.63 4.06 -8.60
N GLU B 255 26.80 2.87 -9.15
CA GLU B 255 26.85 1.67 -8.31
C GLU B 255 27.95 1.78 -7.25
N GLU B 256 28.60 2.93 -7.23
CA GLU B 256 29.66 3.20 -6.26
C GLU B 256 29.12 4.05 -5.13
N ALA B 257 28.43 5.15 -5.48
CA ALA B 257 27.83 6.03 -4.47
C ALA B 257 27.36 5.00 -3.47
N ARG B 258 26.77 3.94 -4.02
CA ARG B 258 26.30 2.81 -3.26
C ARG B 258 27.41 2.44 -2.28
N GLU B 259 28.46 1.79 -2.78
CA GLU B 259 29.55 1.35 -1.92
C GLU B 259 30.04 2.43 -0.92
N LEU B 260 30.04 3.69 -1.37
CA LEU B 260 30.50 4.80 -0.55
C LEU B 260 29.61 5.21 0.62
N LEU B 261 28.47 5.82 0.30
CA LEU B 261 27.52 6.28 1.32
C LEU B 261 27.58 5.26 2.45
N ALA B 262 27.43 4.00 2.05
CA ALA B 262 27.46 2.83 2.90
C ALA B 262 28.31 2.99 4.16
N ALA B 263 29.63 3.01 3.94
CA ALA B 263 30.63 3.16 4.99
C ALA B 263 30.15 3.99 6.21
N TYR B 264 29.72 5.24 5.97
CA TYR B 264 29.26 6.09 7.07
C TYR B 264 27.76 5.88 7.30
N GLY B 265 27.33 4.63 7.09
CA GLY B 265 25.95 4.25 7.26
C GLY B 265 24.98 5.22 6.60
N LEU B 266 25.16 5.40 5.31
CA LEU B 266 24.29 6.31 4.55
C LEU B 266 23.33 5.56 3.61
N GLN B 267 22.06 5.95 3.66
CA GLN B 267 21.05 5.32 2.85
C GLN B 267 21.03 6.01 1.49
N GLU B 268 20.87 7.34 1.53
CA GLU B 268 20.87 8.18 0.33
C GLU B 268 21.84 9.37 0.60
N SER B 269 21.97 10.28 -0.35
CA SER B 269 22.88 11.40 -0.13
C SER B 269 22.19 12.63 0.44
N GLY B 270 22.95 13.44 1.16
CA GLY B 270 22.37 14.65 1.72
C GLY B 270 21.51 15.50 0.80
N LEU B 271 21.86 15.58 -0.47
CA LEU B 271 21.02 16.39 -1.32
C LEU B 271 19.67 15.71 -1.48
N GLN B 272 19.68 14.39 -1.40
CA GLN B 272 18.42 13.74 -1.55
C GLN B 272 17.59 14.17 -0.40
N ARG B 273 18.16 14.20 0.80
CA ARG B 273 17.37 14.64 1.95
C ARG B 273 16.91 16.08 1.67
N LEU B 274 17.90 16.94 1.38
CA LEU B 274 17.64 18.35 1.09
C LEU B 274 16.50 18.50 0.09
N ALA B 275 16.47 17.62 -0.90
CA ALA B 275 15.40 17.67 -1.88
C ALA B 275 14.06 17.14 -1.37
N ARG B 276 14.05 16.04 -0.60
CA ARG B 276 12.78 15.57 -0.13
C ARG B 276 12.29 16.69 0.74
N ALA B 277 13.24 17.43 1.29
CA ALA B 277 12.89 18.57 2.18
C ALA B 277 12.41 19.76 1.44
N GLY B 278 13.13 20.09 0.35
CA GLY B 278 12.78 21.21 -0.48
C GLY B 278 11.37 21.00 -0.99
N TYR B 279 10.95 19.73 -1.12
CA TYR B 279 9.61 19.38 -1.65
C TYR B 279 8.46 19.70 -0.67
N ARG B 280 8.64 19.24 0.58
CA ARG B 280 7.68 19.48 1.66
C ARG B 280 7.59 20.99 1.76
N ALA B 281 8.75 21.64 1.71
CA ALA B 281 8.89 23.09 1.77
C ALA B 281 8.10 23.81 0.68
N LEU B 282 8.24 23.35 -0.56
CA LEU B 282 7.53 23.99 -1.65
C LEU B 282 6.06 23.53 -1.73
N ASP B 283 5.68 22.65 -0.80
CA ASP B 283 4.32 22.09 -0.67
C ASP B 283 3.89 21.34 -1.93
N LEU B 284 4.74 20.44 -2.42
CA LEU B 284 4.40 19.73 -3.65
C LEU B 284 4.09 18.21 -3.51
N LEU B 285 3.19 17.70 -4.34
CA LEU B 285 2.85 16.28 -4.26
C LEU B 285 2.99 15.64 -5.64
N THR B 286 3.64 14.47 -5.70
CA THR B 286 3.90 13.73 -6.93
C THR B 286 2.79 12.86 -7.49
N PHE B 287 2.68 12.83 -8.81
CA PHE B 287 1.70 11.97 -9.43
C PHE B 287 2.41 11.27 -10.60
N PHE B 288 1.94 10.10 -10.99
CA PHE B 288 2.65 9.38 -12.02
C PHE B 288 1.78 9.05 -13.19
N THR B 289 2.42 8.58 -14.25
CA THR B 289 1.68 8.09 -15.41
C THR B 289 2.47 6.86 -15.67
N ALA B 290 1.79 5.80 -16.13
CA ALA B 290 2.48 4.54 -16.42
C ALA B 290 1.83 3.82 -17.57
N GLY B 291 2.73 3.15 -18.29
CA GLY B 291 2.41 2.36 -19.47
C GLY B 291 3.66 1.55 -19.65
N GLU B 292 3.75 0.88 -20.79
CA GLU B 292 4.90 0.03 -21.08
C GLU B 292 6.02 0.86 -21.75
N LYS B 293 5.60 2.04 -22.25
CA LYS B 293 6.45 3.02 -22.91
C LYS B 293 7.34 3.84 -22.00
N GLU B 294 6.71 4.44 -20.99
CA GLU B 294 7.35 5.31 -19.99
C GLU B 294 6.58 5.39 -18.67
N VAL B 295 7.31 5.33 -17.56
CA VAL B 295 6.65 5.51 -16.28
C VAL B 295 7.26 6.80 -15.68
N ARG B 296 6.45 7.83 -15.49
CA ARG B 296 6.99 9.12 -15.05
C ARG B 296 6.38 9.97 -13.90
N ALA B 297 7.29 10.65 -13.20
CA ALA B 297 6.95 11.53 -12.07
C ALA B 297 6.49 12.98 -12.37
N TRP B 298 5.21 13.27 -12.20
CA TRP B 298 4.74 14.65 -12.44
C TRP B 298 4.53 15.45 -11.12
N THR B 299 4.81 16.75 -11.15
CA THR B 299 4.66 17.62 -9.97
C THR B 299 3.52 18.63 -9.98
N VAL B 300 3.00 18.91 -8.79
CA VAL B 300 1.95 19.86 -8.63
C VAL B 300 1.88 20.29 -7.20
N ARG B 301 1.23 21.43 -7.03
CA ARG B 301 1.00 22.02 -5.77
C ARG B 301 -0.20 21.38 -5.11
N ARG B 302 -0.03 20.93 -3.87
CA ARG B 302 -1.15 20.34 -3.16
C ARG B 302 -2.32 21.29 -3.49
N GLY B 303 -3.49 20.73 -3.78
CA GLY B 303 -4.67 21.53 -4.16
C GLY B 303 -4.93 21.55 -5.67
N THR B 304 -3.88 21.36 -6.49
CA THR B 304 -3.97 21.29 -7.95
C THR B 304 -5.06 20.26 -8.24
N LYS B 305 -6.10 20.60 -8.99
CA LYS B 305 -7.16 19.62 -9.29
C LYS B 305 -6.88 18.76 -10.53
N ALA B 306 -7.59 17.65 -10.66
CA ALA B 306 -7.36 16.71 -11.77
C ALA B 306 -7.11 17.35 -13.17
N PRO B 307 -8.06 18.15 -13.72
CA PRO B 307 -7.87 18.77 -15.06
C PRO B 307 -6.54 19.54 -15.18
N ARG B 308 -6.37 20.52 -14.29
CA ARG B 308 -5.13 21.29 -14.29
C ARG B 308 -3.93 20.36 -14.26
N ALA B 309 -4.04 19.29 -13.49
CA ALA B 309 -2.95 18.37 -13.38
C ALA B 309 -2.82 17.62 -14.70
N ALA B 310 -3.90 17.61 -15.48
CA ALA B 310 -3.83 16.93 -16.77
C ALA B 310 -2.91 17.71 -17.67
N GLY B 311 -3.19 19.02 -17.69
CA GLY B 311 -2.41 19.98 -18.47
C GLY B 311 -0.90 19.84 -18.25
N GLU B 312 -0.45 19.62 -17.02
CA GLU B 312 0.98 19.48 -16.77
C GLU B 312 1.62 18.54 -17.79
N ILE B 313 0.77 17.74 -18.45
CA ILE B 313 1.22 16.79 -19.47
C ILE B 313 1.18 17.47 -20.83
N HIS B 314 -0.02 17.81 -21.30
CA HIS B 314 -0.23 18.46 -22.58
C HIS B 314 -1.55 19.21 -22.49
N SER B 315 -1.41 20.53 -22.54
CA SER B 315 -2.46 21.51 -22.45
C SER B 315 -3.84 21.07 -22.89
N ASP B 316 -3.90 20.35 -24.00
CA ASP B 316 -5.16 19.86 -24.58
C ASP B 316 -6.00 19.12 -23.58
N MET B 317 -5.30 18.28 -22.83
CA MET B 317 -5.88 17.45 -21.80
C MET B 317 -6.66 18.28 -20.79
N GLU B 318 -6.32 19.57 -20.66
CA GLU B 318 -7.01 20.43 -19.71
C GLU B 318 -8.33 20.95 -20.31
N ARG B 319 -8.24 21.61 -21.48
CA ARG B 319 -9.42 22.14 -22.12
C ARG B 319 -10.18 21.02 -22.82
N GLY B 320 -9.73 19.79 -22.60
CA GLY B 320 -10.37 18.62 -23.21
C GLY B 320 -10.99 17.71 -22.15
N PHE B 321 -10.32 17.65 -21.01
CA PHE B 321 -10.70 16.88 -19.84
C PHE B 321 -12.20 16.69 -19.65
N ILE B 322 -12.58 15.41 -19.49
CA ILE B 322 -13.95 14.93 -19.25
C ILE B 322 -13.85 14.20 -17.93
N ARG B 323 -12.92 13.23 -17.90
CA ARG B 323 -12.65 12.41 -16.71
C ARG B 323 -11.18 11.92 -16.62
N ALA B 324 -10.72 11.64 -15.41
CA ALA B 324 -9.39 11.09 -15.20
C ALA B 324 -9.48 9.72 -14.45
N GLU B 325 -8.65 8.76 -14.87
CA GLU B 325 -8.59 7.43 -14.26
C GLU B 325 -7.49 7.46 -13.21
N VAL B 326 -7.92 7.28 -11.96
CA VAL B 326 -6.97 7.40 -10.85
C VAL B 326 -6.84 6.14 -9.98
N ILE B 327 -5.62 5.82 -9.55
CA ILE B 327 -5.43 4.67 -8.70
C ILE B 327 -4.08 4.89 -7.98
N PRO B 328 -4.02 4.69 -6.63
CA PRO B 328 -2.76 4.87 -5.90
C PRO B 328 -1.74 3.91 -6.38
N TRP B 329 -0.51 4.34 -6.58
CA TRP B 329 0.50 3.46 -7.13
C TRP B 329 0.59 2.09 -6.41
N ASP B 330 0.56 2.11 -5.08
CA ASP B 330 0.64 0.87 -4.35
C ASP B 330 -0.52 -0.08 -4.84
N LYS B 331 -1.76 0.40 -5.04
CA LYS B 331 -2.78 -0.56 -5.52
C LYS B 331 -2.33 -1.14 -6.85
N LEU B 332 -2.17 -0.27 -7.82
CA LEU B 332 -1.70 -0.64 -9.14
C LEU B 332 -0.44 -1.54 -9.14
N VAL B 333 0.36 -1.51 -8.08
CA VAL B 333 1.53 -2.35 -8.08
C VAL B 333 1.19 -3.67 -7.42
N GLU B 334 0.19 -3.72 -6.55
CA GLU B 334 -0.08 -5.06 -6.04
C GLU B 334 -1.02 -5.65 -7.05
N ALA B 335 -1.80 -4.82 -7.73
CA ALA B 335 -2.70 -5.35 -8.74
C ALA B 335 -1.95 -5.96 -9.93
N GLY B 336 -0.80 -5.42 -10.28
CA GLY B 336 -0.08 -5.96 -11.42
C GLY B 336 -0.43 -5.23 -12.73
N GLY B 337 -1.37 -4.31 -12.68
CA GLY B 337 -1.65 -3.61 -13.90
C GLY B 337 -3.01 -2.93 -14.10
N TRP B 338 -3.10 -2.13 -15.16
CA TRP B 338 -4.33 -1.44 -15.36
C TRP B 338 -5.49 -2.39 -15.55
N ALA B 339 -5.24 -3.54 -16.17
CA ALA B 339 -6.33 -4.48 -16.38
C ALA B 339 -6.71 -5.16 -15.05
N ARG B 340 -5.78 -5.94 -14.49
CA ARG B 340 -6.03 -6.65 -13.25
C ARG B 340 -6.59 -5.67 -12.25
N ALA B 341 -6.06 -4.46 -12.28
CA ALA B 341 -6.53 -3.48 -11.36
C ALA B 341 -8.02 -3.29 -11.55
N LYS B 342 -8.41 -2.88 -12.76
CA LYS B 342 -9.81 -2.61 -13.10
C LYS B 342 -10.66 -3.77 -12.63
N GLU B 343 -10.02 -4.93 -12.45
CA GLU B 343 -10.71 -6.12 -11.98
C GLU B 343 -11.00 -6.09 -10.48
N ARG B 344 -10.01 -5.76 -9.65
CA ARG B 344 -10.22 -5.72 -8.18
C ARG B 344 -11.18 -4.59 -7.86
N GLY B 345 -11.40 -3.72 -8.84
CA GLY B 345 -12.27 -2.57 -8.62
C GLY B 345 -11.53 -1.38 -7.99
N TRP B 346 -10.22 -1.31 -8.26
CA TRP B 346 -9.38 -0.29 -7.70
C TRP B 346 -9.19 1.00 -8.53
N VAL B 347 -9.61 1.02 -9.79
CA VAL B 347 -9.46 2.23 -10.60
C VAL B 347 -10.67 3.11 -10.51
N ARG B 348 -10.47 4.32 -10.03
CA ARG B 348 -11.51 5.32 -9.93
C ARG B 348 -11.61 6.18 -11.21
N LEU B 349 -12.79 6.78 -11.41
CA LEU B 349 -13.04 7.70 -12.52
C LEU B 349 -13.31 9.04 -11.84
N GLU B 350 -12.43 10.03 -12.05
CA GLU B 350 -12.61 11.26 -11.31
C GLU B 350 -12.88 12.45 -12.15
N GLY B 351 -13.77 13.28 -11.61
CA GLY B 351 -14.20 14.52 -12.23
C GLY B 351 -13.21 15.69 -12.23
N LYS B 352 -13.68 16.91 -12.53
CA LYS B 352 -12.75 18.03 -12.61
C LYS B 352 -12.49 18.71 -11.29
N ASP B 353 -13.18 18.25 -10.24
CA ASP B 353 -12.97 18.86 -8.93
C ASP B 353 -12.00 18.05 -8.06
N TYR B 354 -11.93 16.75 -8.34
CA TYR B 354 -11.01 15.87 -7.63
C TYR B 354 -9.60 16.50 -7.59
N GLU B 355 -9.01 16.56 -6.38
CA GLU B 355 -7.65 17.11 -6.18
C GLU B 355 -6.69 15.97 -6.16
N VAL B 356 -5.73 15.95 -7.07
CA VAL B 356 -4.69 14.89 -7.08
C VAL B 356 -4.15 14.56 -5.65
N GLN B 357 -3.47 13.43 -5.53
CA GLN B 357 -2.92 13.01 -4.26
C GLN B 357 -1.52 12.47 -4.49
N ASP B 358 -0.61 12.76 -3.56
CA ASP B 358 0.74 12.26 -3.71
C ASP B 358 0.57 10.78 -3.96
N GLY B 359 1.41 10.21 -4.81
CA GLY B 359 1.25 8.81 -5.09
C GLY B 359 0.29 8.40 -6.24
N ASP B 360 -0.84 9.08 -6.44
CA ASP B 360 -1.74 8.77 -7.56
C ASP B 360 -1.06 8.44 -8.87
N VAL B 361 -1.52 7.42 -9.58
CA VAL B 361 -1.00 7.15 -10.92
C VAL B 361 -2.22 7.57 -11.74
N ILE B 362 -2.01 8.32 -12.84
CA ILE B 362 -3.18 8.81 -13.61
C ILE B 362 -3.26 8.49 -15.12
N TYR B 363 -4.48 8.49 -15.66
CA TYR B 363 -4.71 8.29 -17.10
C TYR B 363 -5.93 9.15 -17.41
N VAL B 364 -5.81 10.01 -18.44
CA VAL B 364 -6.89 10.93 -18.78
C VAL B 364 -7.66 10.69 -20.03
N LEU B 365 -8.88 11.20 -19.99
CA LEU B 365 -9.83 11.14 -21.09
C LEU B 365 -10.31 12.58 -21.39
N PHE B 366 -9.86 13.08 -22.52
CA PHE B 366 -10.22 14.42 -22.94
C PHE B 366 -10.75 14.46 -24.37
N ASN B 367 -11.29 15.63 -24.73
CA ASN B 367 -11.83 15.94 -26.05
C ASN B 367 -10.72 16.53 -26.96
N ALA B 368 -10.74 16.17 -28.24
CA ALA B 368 -9.79 16.66 -29.27
C ALA B 368 -8.28 16.70 -28.96
#